data_6BM8
#
_entry.id   6BM8
#
_cell.length_a   118.597
_cell.length_b   118.597
_cell.length_c   800.576
_cell.angle_alpha   90.000
_cell.angle_beta   90.000
_cell.angle_gamma   120.000
#
_symmetry.space_group_name_H-M   'H 3 2'
#
loop_
_entity.id
_entity.type
_entity.pdbx_description
1 polymer 'Envelope glycoprotein B'
2 branched beta-D-mannopyranose-(1-4)-2-acetamido-2-deoxy-beta-D-glucopyranose-(1-4)-2-acetamido-2-deoxy-beta-D-glucopyranose
3 branched 2-acetamido-2-deoxy-beta-D-glucopyranose-(1-4)-2-acetamido-2-deoxy-beta-D-glucopyranose
4 non-polymer 2-acetamido-2-deoxy-beta-D-glucopyranose
#
_entity_poly.entity_id   1
_entity_poly.type   'polypeptide(L)'
_entity_poly.pdbx_seq_one_letter_code
;NKKPKNPTPPRPAGDNATVAAGHATLREHLRDIKAENTDANFYVCPPPTGATVVQFEQPRRCPTRPEGQNYTEGIAVVFK
ENIAPYKFKATMYYKDVTVSQVWFGHRYSQFMGIFEDRAPVPFEEVIDKINAKGVCRSTAKYVRNNLETTAFHRDDHETD
MELKPANAATRTSRGWHTTDLKYNPSRVEAFHRYGTTVNCIVEEVDARSVYPYDEFVLATGDFVYMSPFYGYREGSHTEH
TSYAADRFKQVDGFYARDLTTKARATAPTTRNLLTTPKFTVAWDWVPKRPSVCTMTKWQEVDEMLRSEYGGSFRFSSDAI
STTFTTNLTEYPLSRVDLGDCIGKDARDAMDRIFARRYNATHIKVGQPQYYLANGGFLIAYQPLLSNTLAELYVREHLRE
QSRKPPNPTPPPPGASANASVERIKTTSSIEFARLQFTYNHIQRHVNDMLGRVAIAWCELQNHELTLWNEARKLNPNAIA
SVTVGRRVSARMLGDVMAVSTCVPVAADNVIVQNSMRISSRPGACYSRPLVSFRYEDQGPLVEGQLGENNELRLTRDAIE
PCTVGHRRYFTFGGGYVYFEEYAYSHQLSRADITTVSTFIDLNITMLEDHEFVPLEVYTRHEIKDSGLLDYTEVQRRNQL
HDLRFADIDTVIHADANAAMFAGLGAFFEGMGDLGRAVGKVVMGIVGGVVSAVSGVSSFMSNPFGALAVGLLVLAGLAAA
FFAFRYVMRLQSNPMKALYPLTTKELKNPTNPDASGEGEEGGDFDEAKLAEAREMIRYMALVSAMERTEHKAKKKGTSAL
LSAKVTDMVMRKRRNTNYTQVPNKDGDADEDDL
;
_entity_poly.pdbx_strand_id   A
#
loop_
_chem_comp.id
_chem_comp.type
_chem_comp.name
_chem_comp.formula
BMA D-saccharide, beta linking beta-D-mannopyranose 'C6 H12 O6'
NAG D-saccharide, beta linking 2-acetamido-2-deoxy-beta-D-glucopyranose 'C8 H15 N O6'
#
# COMPACT_ATOMS: atom_id res chain seq x y z
N ARG A 31 4.44 51.04 -72.98
CA ARG A 31 3.45 50.60 -72.01
C ARG A 31 3.80 49.23 -71.48
N ASP A 32 4.94 49.12 -70.80
CA ASP A 32 5.49 47.82 -70.44
C ASP A 32 5.64 47.81 -68.92
N ILE A 33 4.82 47.00 -68.24
CA ILE A 33 4.75 46.97 -66.78
C ILE A 33 4.56 45.52 -66.33
N LYS A 34 5.35 45.09 -65.35
CA LYS A 34 5.23 43.76 -64.79
C LYS A 34 5.18 43.82 -63.28
N ALA A 35 4.69 42.74 -62.68
CA ALA A 35 4.47 42.70 -61.24
C ALA A 35 5.79 42.83 -60.49
N GLU A 36 5.74 43.61 -59.41
CA GLU A 36 6.89 43.73 -58.51
C GLU A 36 7.32 42.38 -57.97
N ASN A 37 6.36 41.57 -57.57
CA ASN A 37 6.64 40.25 -57.02
C ASN A 37 5.86 39.17 -57.75
N THR A 38 6.60 38.31 -58.45
CA THR A 38 6.12 37.16 -59.20
C THR A 38 5.76 35.99 -58.30
N ASP A 39 5.55 36.25 -57.02
CA ASP A 39 5.43 35.19 -56.03
C ASP A 39 4.17 34.37 -56.27
N ALA A 40 3.08 35.05 -56.57
CA ALA A 40 1.77 34.43 -56.78
C ALA A 40 1.44 34.50 -58.26
N ASN A 41 1.29 33.34 -58.87
CA ASN A 41 0.92 33.24 -60.27
C ASN A 41 -0.49 33.76 -60.52
N PHE A 42 -0.67 34.39 -61.68
CA PHE A 42 -2.00 34.84 -62.09
C PHE A 42 -2.79 33.68 -62.68
N TYR A 43 -4.10 33.73 -62.50
CA TYR A 43 -4.98 32.73 -63.08
C TYR A 43 -6.00 33.41 -63.98
N VAL A 44 -6.09 32.95 -65.22
CA VAL A 44 -7.18 33.35 -66.12
C VAL A 44 -8.25 32.28 -66.02
N CYS A 45 -9.46 32.68 -65.64
CA CYS A 45 -10.47 31.69 -65.26
C CYS A 45 -11.80 32.04 -65.95
N PRO A 46 -12.22 31.26 -66.93
CA PRO A 46 -13.38 31.64 -67.76
C PRO A 46 -14.67 31.11 -67.16
N PRO A 47 -15.83 31.53 -67.67
CA PRO A 47 -17.09 30.94 -67.21
C PRO A 47 -17.18 29.48 -67.58
N PRO A 48 -17.80 28.65 -66.76
CA PRO A 48 -17.79 27.20 -67.01
C PRO A 48 -18.98 26.72 -67.82
N THR A 49 -19.01 25.42 -68.09
CA THR A 49 -20.16 24.76 -68.69
C THR A 49 -20.92 23.97 -67.63
N GLY A 50 -22.13 23.54 -67.99
CA GLY A 50 -22.90 22.69 -67.11
C GLY A 50 -22.34 21.29 -66.91
N ALA A 51 -21.19 20.99 -67.51
CA ALA A 51 -20.56 19.68 -67.42
C ALA A 51 -20.28 19.31 -65.97
N THR A 52 -19.31 19.99 -65.35
CA THR A 52 -18.92 19.68 -63.99
C THR A 52 -19.79 20.46 -63.02
N VAL A 53 -20.20 19.80 -61.93
CA VAL A 53 -21.18 20.37 -61.01
C VAL A 53 -21.09 19.62 -59.70
N VAL A 54 -21.11 20.37 -58.59
CA VAL A 54 -20.89 19.83 -57.25
C VAL A 54 -21.88 20.43 -56.27
N GLN A 55 -21.91 19.86 -55.07
CA GLN A 55 -22.88 20.20 -54.03
C GLN A 55 -22.18 20.21 -52.68
N PHE A 56 -22.85 20.77 -51.67
CA PHE A 56 -22.30 20.84 -50.33
C PHE A 56 -22.83 19.71 -49.45
N GLU A 57 -22.10 19.46 -48.36
CA GLU A 57 -22.60 18.57 -47.33
C GLU A 57 -23.72 19.26 -46.54
N GLN A 58 -24.28 18.51 -45.61
CA GLN A 58 -25.41 18.92 -44.80
C GLN A 58 -25.13 18.49 -43.36
N PRO A 59 -25.84 19.07 -42.37
CA PRO A 59 -25.48 18.81 -40.97
C PRO A 59 -25.53 17.36 -40.57
N ARG A 60 -24.37 16.70 -40.62
CA ARG A 60 -24.24 15.34 -40.07
C ARG A 60 -24.72 15.34 -38.62
N ARG A 61 -25.69 14.48 -38.32
CA ARG A 61 -26.32 14.54 -37.00
C ARG A 61 -25.27 14.29 -35.94
N CYS A 62 -25.09 15.25 -35.08
CA CYS A 62 -23.94 15.21 -34.19
C CYS A 62 -24.14 14.18 -33.09
N PRO A 63 -23.06 13.61 -32.56
CA PRO A 63 -23.20 12.68 -31.44
C PRO A 63 -23.79 13.36 -30.21
N THR A 64 -24.00 12.59 -29.15
CA THR A 64 -24.64 13.11 -27.94
C THR A 64 -23.84 12.69 -26.72
N ARG A 65 -24.15 13.33 -25.60
CA ARG A 65 -23.47 13.08 -24.34
C ARG A 65 -23.77 11.68 -23.84
N PRO A 66 -22.95 11.14 -22.94
CA PRO A 66 -23.29 9.91 -22.25
C PRO A 66 -24.14 10.18 -21.01
N GLU A 67 -24.89 9.15 -20.61
CA GLU A 67 -25.74 9.29 -19.43
C GLU A 67 -24.94 9.49 -18.14
N GLY A 68 -23.66 9.16 -18.15
CA GLY A 68 -22.84 9.32 -16.96
C GLY A 68 -23.02 8.17 -15.99
N GLN A 69 -21.94 7.81 -15.29
CA GLN A 69 -21.97 6.68 -14.39
C GLN A 69 -22.72 7.03 -13.11
N ASN A 70 -23.67 6.18 -12.72
CA ASN A 70 -24.46 6.41 -11.52
C ASN A 70 -23.66 5.99 -10.29
N TYR A 71 -23.35 6.95 -9.43
CA TYR A 71 -22.60 6.70 -8.21
C TYR A 71 -23.56 6.56 -7.05
N THR A 72 -23.51 5.41 -6.38
CA THR A 72 -24.36 5.14 -5.21
C THR A 72 -23.58 5.51 -3.96
N GLU A 73 -24.02 6.57 -3.28
CA GLU A 73 -23.37 6.99 -2.04
C GLU A 73 -23.51 5.92 -0.97
N GLY A 74 -22.54 5.89 -0.07
CA GLY A 74 -22.56 4.91 1.01
C GLY A 74 -21.39 5.14 1.94
N ILE A 75 -21.33 4.31 2.99
CA ILE A 75 -20.27 4.38 3.99
C ILE A 75 -19.50 3.06 3.95
N ALA A 76 -18.18 3.13 4.05
CA ALA A 76 -17.33 1.95 3.93
C ALA A 76 -16.40 1.83 5.13
N VAL A 77 -15.97 0.59 5.38
CA VAL A 77 -14.98 0.23 6.39
C VAL A 77 -14.21 -0.95 5.84
N VAL A 78 -12.89 -0.83 5.70
CA VAL A 78 -12.09 -1.84 5.04
C VAL A 78 -11.14 -2.48 6.04
N PHE A 79 -11.06 -3.81 5.96
CA PHE A 79 -10.31 -4.72 6.82
C PHE A 79 -9.18 -5.39 6.04
N LYS A 80 -8.18 -5.83 6.81
CA LYS A 80 -6.91 -6.30 6.30
C LYS A 80 -6.46 -7.52 7.09
N GLU A 81 -5.60 -8.34 6.48
CA GLU A 81 -5.02 -9.48 7.19
C GLU A 81 -4.31 -9.01 8.45
N ASN A 82 -4.60 -9.68 9.56
CA ASN A 82 -3.95 -9.38 10.82
C ASN A 82 -2.54 -9.98 10.81
N ILE A 83 -1.53 -9.13 10.96
CA ILE A 83 -0.19 -9.60 11.28
C ILE A 83 0.21 -9.26 12.70
N ALA A 84 -0.40 -8.24 13.31
CA ALA A 84 -0.17 -7.92 14.71
C ALA A 84 -0.58 -9.12 15.56
N PRO A 85 0.37 -9.77 16.23
CA PRO A 85 0.04 -10.96 17.01
C PRO A 85 -0.99 -10.65 18.08
N TYR A 86 -1.71 -11.69 18.50
CA TYR A 86 -2.56 -11.58 19.68
C TYR A 86 -1.67 -11.41 20.91
N LYS A 87 -1.95 -10.37 21.69
CA LYS A 87 -1.08 -9.93 22.76
C LYS A 87 -1.90 -9.77 24.03
N PHE A 88 -1.44 -10.40 25.11
CA PHE A 88 -2.19 -10.43 26.36
C PHE A 88 -1.22 -10.47 27.53
N LYS A 89 -1.77 -10.58 28.74
CA LYS A 89 -1.00 -10.56 29.97
C LYS A 89 -1.05 -11.92 30.67
N ALA A 90 -0.02 -12.20 31.46
CA ALA A 90 0.04 -13.44 32.23
C ALA A 90 0.99 -13.22 33.40
N THR A 91 1.10 -14.24 34.25
CA THR A 91 1.96 -14.17 35.44
C THR A 91 2.82 -15.43 35.51
N MET A 92 4.13 -15.24 35.68
CA MET A 92 5.08 -16.33 35.82
C MET A 92 5.45 -16.57 37.27
N TYR A 93 5.71 -17.83 37.59
CA TYR A 93 6.09 -18.26 38.93
C TYR A 93 7.18 -19.31 38.76
N TYR A 94 8.32 -19.12 39.42
CA TYR A 94 9.39 -20.10 39.30
C TYR A 94 10.32 -19.99 40.49
N LYS A 95 11.34 -20.85 40.50
CA LYS A 95 12.30 -20.94 41.60
C LYS A 95 13.67 -21.22 41.01
N ASP A 96 14.54 -20.21 40.99
CA ASP A 96 15.90 -20.43 40.53
C ASP A 96 16.69 -21.20 41.58
N VAL A 97 17.25 -22.33 41.17
CA VAL A 97 17.98 -23.25 42.03
C VAL A 97 19.44 -23.20 41.60
N THR A 98 20.28 -22.54 42.39
CA THR A 98 21.70 -22.38 42.08
C THR A 98 22.53 -22.96 43.22
N VAL A 99 23.30 -24.00 42.93
CA VAL A 99 24.17 -24.65 43.90
C VAL A 99 25.58 -24.65 43.34
N SER A 100 26.56 -24.34 44.20
CA SER A 100 27.92 -24.10 43.74
C SER A 100 28.93 -24.90 44.53
N GLN A 101 29.96 -25.41 43.83
CA GLN A 101 31.17 -25.85 44.48
C GLN A 101 32.07 -24.67 44.76
N VAL A 102 32.71 -24.68 45.93
CA VAL A 102 33.80 -23.73 46.17
C VAL A 102 34.92 -24.50 46.86
N TRP A 103 36.13 -24.41 46.28
CA TRP A 103 37.36 -24.94 46.84
C TRP A 103 38.25 -23.78 47.28
N PHE A 104 38.99 -23.99 48.36
CA PHE A 104 39.62 -22.89 49.06
C PHE A 104 41.15 -23.00 48.98
N GLY A 105 41.79 -21.84 48.99
CA GLY A 105 43.22 -21.74 49.22
C GLY A 105 43.50 -20.94 50.48
N HIS A 106 44.78 -20.68 50.70
CA HIS A 106 45.22 -20.00 51.91
C HIS A 106 44.56 -18.63 52.08
N ARG A 107 44.56 -17.79 51.06
CA ARG A 107 44.02 -16.44 51.19
C ARG A 107 42.87 -16.19 50.21
N TYR A 108 42.17 -17.23 49.78
CA TYR A 108 41.53 -17.09 48.48
C TYR A 108 40.51 -18.21 48.38
N SER A 109 39.51 -18.01 47.56
CA SER A 109 38.54 -19.07 47.31
C SER A 109 38.16 -19.01 45.84
N GLN A 110 38.22 -20.15 45.18
CA GLN A 110 37.74 -20.30 43.82
C GLN A 110 36.50 -21.16 43.68
N PHE A 111 35.59 -20.73 42.79
CA PHE A 111 34.49 -21.58 42.34
C PHE A 111 34.97 -22.73 41.47
N MET A 112 34.44 -23.92 41.74
CA MET A 112 34.77 -25.07 40.91
C MET A 112 33.64 -25.46 39.98
N GLY A 113 32.50 -24.80 40.07
CA GLY A 113 31.35 -25.13 39.25
C GLY A 113 30.08 -24.56 39.83
N ILE A 114 29.27 -23.91 39.01
CA ILE A 114 28.05 -23.26 39.45
C ILE A 114 26.90 -23.87 38.66
N PHE A 115 26.15 -24.78 39.29
CA PHE A 115 24.92 -25.30 38.73
C PHE A 115 23.80 -24.27 38.93
N GLU A 116 23.06 -24.00 37.86
CA GLU A 116 22.11 -22.90 37.83
C GLU A 116 20.91 -23.34 37.03
N ASP A 117 19.74 -23.40 37.68
CA ASP A 117 18.57 -24.06 37.13
C ASP A 117 17.33 -23.20 37.37
N ARG A 118 16.32 -23.41 36.54
CA ARG A 118 14.99 -22.84 36.74
C ARG A 118 14.02 -23.95 37.10
N ALA A 119 13.25 -23.76 38.16
CA ALA A 119 12.44 -24.80 38.75
C ALA A 119 10.97 -24.40 38.77
N PRO A 120 10.06 -25.32 38.48
CA PRO A 120 8.63 -24.99 38.58
C PRO A 120 8.17 -24.93 40.03
N VAL A 121 7.19 -24.08 40.27
CA VAL A 121 6.51 -24.01 41.56
C VAL A 121 5.23 -24.84 41.46
N PRO A 122 5.01 -25.81 42.34
CA PRO A 122 3.84 -26.69 42.20
C PRO A 122 2.53 -25.93 42.26
N PHE A 123 1.47 -26.63 41.84
CA PHE A 123 0.14 -26.03 41.82
C PHE A 123 -0.27 -25.55 43.21
N GLU A 124 -0.18 -26.42 44.21
CA GLU A 124 -0.64 -26.07 45.54
C GLU A 124 0.17 -24.92 46.13
N GLU A 125 1.48 -24.89 45.87
CA GLU A 125 2.30 -23.84 46.43
C GLU A 125 1.98 -22.49 45.82
N VAL A 126 1.46 -22.48 44.59
CA VAL A 126 0.97 -21.24 44.00
C VAL A 126 -0.39 -20.87 44.58
N ILE A 127 -1.31 -21.82 44.62
CA ILE A 127 -2.68 -21.54 45.07
C ILE A 127 -2.71 -21.20 46.55
N ASP A 128 -1.95 -21.94 47.36
CA ASP A 128 -2.02 -21.79 48.81
C ASP A 128 -0.96 -20.82 49.34
N LYS A 129 0.31 -21.17 49.16
CA LYS A 129 1.39 -20.38 49.75
C LYS A 129 1.57 -19.04 49.04
N ILE A 130 1.47 -19.03 47.71
CA ILE A 130 1.75 -17.80 46.95
C ILE A 130 0.50 -16.92 46.84
N ASN A 131 -0.63 -17.50 46.43
CA ASN A 131 -1.84 -16.72 46.24
C ASN A 131 -2.36 -16.15 47.55
N ALA A 132 -2.89 -17.01 48.41
CA ALA A 132 -3.60 -16.55 49.60
C ALA A 132 -2.67 -15.80 50.55
N LYS A 133 -1.46 -16.32 50.77
CA LYS A 133 -0.58 -15.79 51.79
C LYS A 133 0.52 -14.88 51.26
N GLY A 134 0.67 -14.77 49.94
CA GLY A 134 1.70 -13.91 49.39
C GLY A 134 3.11 -14.27 49.78
N VAL A 135 3.34 -15.54 50.15
CA VAL A 135 4.67 -16.01 50.55
C VAL A 135 5.06 -17.15 49.63
N CYS A 136 6.11 -17.88 50.00
CA CYS A 136 6.54 -19.01 49.17
C CYS A 136 7.51 -19.86 49.99
N ARG A 137 7.48 -21.17 49.74
CA ARG A 137 8.36 -22.08 50.45
C ARG A 137 9.81 -21.79 50.10
N SER A 138 10.69 -21.87 51.11
CA SER A 138 12.12 -21.82 50.84
C SER A 138 12.66 -23.11 50.26
N THR A 139 11.81 -24.11 50.05
CA THR A 139 12.21 -25.39 49.50
C THR A 139 11.68 -25.54 48.08
N ALA A 140 12.46 -26.19 47.22
CA ALA A 140 12.00 -26.53 45.88
C ALA A 140 11.83 -28.04 45.78
N LYS A 141 10.76 -28.47 45.13
CA LYS A 141 10.52 -29.90 44.91
C LYS A 141 9.86 -30.04 43.55
N TYR A 142 10.60 -30.56 42.58
CA TYR A 142 10.19 -30.44 41.19
C TYR A 142 10.84 -31.54 40.36
N VAL A 143 10.28 -31.74 39.18
CA VAL A 143 10.74 -32.78 38.27
C VAL A 143 11.78 -32.19 37.32
N ARG A 144 12.94 -32.84 37.25
CA ARG A 144 13.96 -32.50 36.25
C ARG A 144 14.71 -33.75 35.86
N ASN A 145 14.82 -33.98 34.55
CA ASN A 145 15.68 -35.03 34.01
C ASN A 145 15.25 -36.41 34.52
N ASN A 146 13.94 -36.64 34.51
CA ASN A 146 13.33 -37.91 34.90
C ASN A 146 13.45 -38.19 36.40
N LEU A 147 13.72 -37.16 37.19
CA LEU A 147 13.87 -37.30 38.63
C LEU A 147 13.09 -36.25 39.38
N GLU A 148 12.68 -36.60 40.60
CA GLU A 148 12.21 -35.64 41.57
C GLU A 148 13.39 -35.10 42.36
N THR A 149 13.38 -33.80 42.63
CA THR A 149 14.42 -33.20 43.44
C THR A 149 13.82 -32.25 44.47
N THR A 150 14.56 -32.11 45.58
CA THR A 150 14.16 -31.25 46.69
C THR A 150 15.39 -30.48 47.13
N ALA A 151 15.39 -29.17 46.91
CA ALA A 151 16.50 -28.31 47.26
C ALA A 151 16.14 -27.49 48.50
N PHE A 152 16.99 -27.59 49.54
CA PHE A 152 16.87 -26.75 50.71
C PHE A 152 17.58 -25.42 50.48
N HIS A 153 16.88 -24.32 50.72
CA HIS A 153 17.55 -23.03 50.85
C HIS A 153 18.45 -23.03 52.07
N ARG A 154 19.69 -22.54 51.90
CA ARG A 154 20.75 -22.53 52.92
C ARG A 154 21.16 -23.93 53.38
N ASP A 155 20.63 -25.00 52.77
CA ASP A 155 20.64 -26.33 53.41
C ASP A 155 20.20 -26.23 54.85
N ASP A 156 19.05 -25.60 55.04
CA ASP A 156 18.44 -25.43 56.35
C ASP A 156 16.97 -25.74 56.24
N HIS A 157 16.38 -26.09 57.39
CA HIS A 157 14.98 -26.46 57.48
C HIS A 157 14.06 -25.50 56.76
N GLU A 158 13.14 -26.09 55.99
CA GLU A 158 12.04 -25.41 55.31
C GLU A 158 11.47 -24.26 56.14
N THR A 159 11.33 -23.11 55.50
CA THR A 159 10.72 -21.96 56.15
C THR A 159 9.91 -21.20 55.10
N ASP A 160 8.65 -20.92 55.41
CA ASP A 160 7.84 -20.08 54.53
C ASP A 160 8.38 -18.66 54.56
N MET A 161 8.83 -18.17 53.40
CA MET A 161 9.49 -16.87 53.30
C MET A 161 8.65 -15.87 52.52
N GLU A 162 8.94 -14.60 52.76
CA GLU A 162 8.14 -13.49 52.26
C GLU A 162 8.56 -13.08 50.85
N LEU A 163 7.57 -12.63 50.07
CA LEU A 163 7.78 -12.09 48.73
C LEU A 163 7.84 -10.57 48.83
N LYS A 164 9.02 -9.99 48.53
CA LYS A 164 9.14 -8.54 48.60
C LYS A 164 9.32 -7.94 47.20
N PRO A 165 8.89 -6.70 46.99
CA PRO A 165 8.91 -6.13 45.63
C PRO A 165 10.31 -6.01 45.07
N ALA A 166 10.42 -6.21 43.76
CA ALA A 166 11.69 -6.08 43.07
C ALA A 166 12.17 -4.63 43.10
N ASN A 167 13.48 -4.46 42.95
CA ASN A 167 14.07 -3.13 42.93
C ASN A 167 13.48 -2.30 41.79
N ALA A 168 13.74 -1.00 41.86
CA ALA A 168 13.35 -0.09 40.79
C ALA A 168 13.96 -0.55 39.48
N ALA A 169 13.11 -0.78 38.48
CA ALA A 169 13.55 -1.23 37.17
C ALA A 169 12.80 -0.46 36.10
N THR A 170 13.49 -0.12 35.02
CA THR A 170 12.98 0.80 34.01
C THR A 170 12.42 0.04 32.82
N ARG A 171 11.23 0.47 32.36
CA ARG A 171 10.53 -0.12 31.21
C ARG A 171 10.36 -1.63 31.36
N THR A 172 10.29 -2.13 32.58
CA THR A 172 10.04 -3.54 32.83
C THR A 172 8.68 -3.70 33.47
N SER A 173 8.28 -4.94 33.67
CA SER A 173 7.10 -5.22 34.45
C SER A 173 7.43 -5.10 35.93
N ARG A 174 6.45 -5.38 36.77
CA ARG A 174 6.60 -5.31 38.21
C ARG A 174 6.89 -6.72 38.72
N GLY A 175 8.05 -6.91 39.34
CA GLY A 175 8.53 -8.22 39.75
C GLY A 175 8.57 -8.39 41.26
N TRP A 176 8.74 -9.65 41.67
CA TRP A 176 8.79 -10.00 43.07
C TRP A 176 9.68 -11.22 43.28
N HIS A 177 10.17 -11.34 44.51
CA HIS A 177 11.17 -12.35 44.85
C HIS A 177 11.19 -12.54 46.36
N THR A 178 11.75 -13.67 46.79
CA THR A 178 12.04 -13.93 48.19
C THR A 178 13.51 -13.68 48.53
N THR A 179 14.41 -14.28 47.75
CA THR A 179 15.85 -14.21 48.01
C THR A 179 16.46 -13.10 47.17
N ASP A 180 17.19 -12.20 47.82
CA ASP A 180 17.87 -11.09 47.16
C ASP A 180 19.38 -11.24 47.17
N LEU A 181 19.87 -12.45 47.48
CA LEU A 181 21.30 -12.71 47.66
C LEU A 181 21.53 -14.18 47.96
N LYS A 182 22.41 -14.85 47.21
CA LYS A 182 22.51 -16.29 47.30
C LYS A 182 23.44 -16.74 48.44
N TYR A 183 23.50 -18.06 48.62
CA TYR A 183 24.20 -18.70 49.74
C TYR A 183 25.48 -19.38 49.28
N ASN A 184 26.43 -19.46 50.21
CA ASN A 184 27.73 -20.05 49.96
C ASN A 184 28.30 -20.55 51.27
N PRO A 185 29.04 -21.65 51.26
CA PRO A 185 29.48 -22.27 52.52
C PRO A 185 30.61 -21.51 53.19
N SER A 186 30.83 -21.86 54.46
CA SER A 186 31.89 -21.26 55.25
C SER A 186 33.25 -21.83 54.86
N ARG A 187 34.31 -21.09 55.21
CA ARG A 187 35.65 -21.41 54.70
C ARG A 187 36.29 -22.55 55.52
N VAL A 188 36.47 -23.69 54.87
CA VAL A 188 37.26 -24.82 55.35
C VAL A 188 38.51 -24.94 54.50
N GLU A 189 39.68 -24.86 55.14
CA GLU A 189 40.94 -24.75 54.41
C GLU A 189 41.23 -25.97 53.55
N ALA A 190 41.51 -25.71 52.26
CA ALA A 190 41.69 -26.67 51.18
C ALA A 190 40.69 -27.81 51.19
N PHE A 191 39.42 -27.52 50.88
CA PHE A 191 38.49 -28.63 50.77
C PHE A 191 37.23 -28.16 50.05
N HIS A 192 36.64 -29.08 49.30
CA HIS A 192 35.46 -28.84 48.48
C HIS A 192 34.22 -28.66 49.34
N ARG A 193 33.49 -27.56 49.15
CA ARG A 193 32.15 -27.44 49.75
C ARG A 193 31.09 -27.22 48.69
N TYR A 194 29.85 -27.56 49.07
CA TYR A 194 28.66 -27.31 48.28
C TYR A 194 27.74 -26.32 48.97
N GLY A 195 27.22 -25.37 48.20
CA GLY A 195 26.28 -24.39 48.72
C GLY A 195 25.03 -24.26 47.86
N THR A 196 23.87 -24.54 48.46
CA THR A 196 22.59 -24.54 47.76
C THR A 196 21.88 -23.21 47.98
N THR A 197 21.19 -22.73 46.94
CA THR A 197 20.39 -21.51 47.01
C THR A 197 19.14 -21.69 46.17
N VAL A 198 18.00 -21.28 46.74
CA VAL A 198 16.71 -21.33 46.07
C VAL A 198 16.05 -19.96 46.18
N ASN A 199 15.54 -19.45 45.06
CA ASN A 199 14.84 -18.16 45.05
C ASN A 199 13.49 -18.33 44.37
N CYS A 200 12.42 -18.01 45.10
CA CYS A 200 11.06 -18.11 44.59
C CYS A 200 10.67 -16.75 44.01
N ILE A 201 10.58 -16.67 42.68
CA ILE A 201 10.42 -15.41 41.96
C ILE A 201 9.08 -15.43 41.23
N VAL A 202 8.35 -14.32 41.34
CA VAL A 202 7.10 -14.11 40.62
C VAL A 202 7.31 -12.93 39.68
N GLU A 203 6.85 -13.06 38.44
CA GLU A 203 7.09 -12.02 37.45
C GLU A 203 5.97 -12.03 36.42
N GLU A 204 5.11 -11.02 36.46
CA GLU A 204 4.04 -10.85 35.48
C GLU A 204 4.62 -10.32 34.17
N VAL A 205 4.20 -10.91 33.05
CA VAL A 205 4.79 -10.63 31.74
C VAL A 205 3.71 -10.53 30.68
N ASP A 206 4.09 -10.01 29.52
CA ASP A 206 3.28 -10.05 28.32
C ASP A 206 3.45 -11.39 27.60
N ALA A 207 2.49 -11.70 26.73
CA ALA A 207 2.54 -12.91 25.93
C ALA A 207 2.00 -12.60 24.54
N ARG A 208 2.72 -13.08 23.53
CA ARG A 208 2.44 -12.83 22.13
C ARG A 208 2.09 -14.15 21.46
N SER A 209 1.34 -14.09 20.36
CA SER A 209 0.96 -15.31 19.68
C SER A 209 0.59 -15.01 18.23
N VAL A 210 1.08 -15.83 17.32
CA VAL A 210 0.80 -15.70 15.89
C VAL A 210 -0.21 -16.76 15.47
N TYR A 211 -0.98 -16.45 14.44
CA TYR A 211 -1.89 -17.40 13.84
C TYR A 211 -1.13 -18.67 13.46
N PRO A 212 -1.74 -19.87 13.58
CA PRO A 212 -3.09 -20.21 14.05
C PRO A 212 -3.26 -20.21 15.57
N TYR A 213 -2.28 -19.68 16.30
CA TYR A 213 -2.38 -19.43 17.74
C TYR A 213 -2.43 -20.74 18.54
N ASP A 214 -1.52 -21.66 18.23
CA ASP A 214 -1.39 -22.88 19.02
C ASP A 214 -0.25 -22.84 20.02
N GLU A 215 0.69 -21.90 19.85
CA GLU A 215 1.81 -21.71 20.74
C GLU A 215 1.86 -20.23 21.11
N PHE A 216 2.50 -19.92 22.25
CA PHE A 216 2.66 -18.53 22.60
C PHE A 216 4.00 -18.32 23.30
N VAL A 217 4.53 -17.12 23.14
CA VAL A 217 5.88 -16.81 23.57
C VAL A 217 5.82 -16.05 24.88
N LEU A 218 6.98 -15.87 25.50
CA LEU A 218 7.14 -15.00 26.65
C LEU A 218 8.26 -14.02 26.36
N ALA A 219 8.16 -12.82 26.93
CA ALA A 219 9.20 -11.83 26.74
C ALA A 219 10.55 -12.30 27.29
N THR A 220 10.57 -13.38 28.07
CA THR A 220 11.80 -14.03 28.49
C THR A 220 12.39 -14.90 27.38
N GLY A 221 11.77 -14.95 26.22
CA GLY A 221 12.23 -15.81 25.15
C GLY A 221 11.84 -17.27 25.29
N ASP A 222 11.21 -17.63 26.40
CA ASP A 222 10.73 -19.00 26.61
C ASP A 222 9.33 -19.14 26.03
N PHE A 223 9.08 -20.26 25.36
CA PHE A 223 7.75 -20.50 24.81
C PHE A 223 7.00 -21.46 25.71
N VAL A 224 5.70 -21.58 25.45
CA VAL A 224 4.84 -22.55 26.10
C VAL A 224 4.06 -23.28 25.02
N TYR A 225 4.27 -24.58 24.92
CA TYR A 225 3.76 -25.37 23.80
C TYR A 225 2.35 -25.88 24.09
N MET A 226 1.47 -24.92 24.35
CA MET A 226 0.05 -25.15 24.60
C MET A 226 -0.73 -23.98 24.04
N SER A 227 -1.97 -24.24 23.62
CA SER A 227 -2.83 -23.18 23.12
C SER A 227 -3.27 -22.27 24.27
N PRO A 228 -3.36 -20.95 24.03
CA PRO A 228 -3.71 -20.02 25.11
C PRO A 228 -5.19 -20.05 25.52
N PHE A 229 -6.05 -20.84 24.87
CA PHE A 229 -7.48 -20.83 25.16
C PHE A 229 -7.99 -22.19 25.63
N TYR A 230 -7.13 -22.99 26.24
CA TYR A 230 -7.49 -24.35 26.68
C TYR A 230 -8.18 -24.30 28.04
N GLY A 231 -9.14 -25.20 28.24
CA GLY A 231 -9.87 -25.23 29.49
C GLY A 231 -10.87 -26.37 29.55
N TYR A 232 -11.86 -26.19 30.43
CA TYR A 232 -12.92 -27.17 30.65
C TYR A 232 -14.30 -26.71 30.20
N ARG A 233 -14.40 -25.52 29.60
CA ARG A 233 -15.68 -24.86 29.43
C ARG A 233 -16.01 -24.70 27.94
N GLU A 234 -17.26 -25.00 27.60
CA GLU A 234 -17.73 -25.06 26.20
C GLU A 234 -16.77 -25.85 25.31
N GLY A 235 -16.55 -27.10 25.71
CA GLY A 235 -15.75 -28.01 24.89
C GLY A 235 -14.32 -27.56 24.66
N SER A 236 -13.70 -26.96 25.67
CA SER A 236 -12.33 -26.47 25.52
C SER A 236 -11.29 -27.59 25.51
N HIS A 237 -11.68 -28.83 25.79
CA HIS A 237 -10.82 -29.98 25.55
C HIS A 237 -10.46 -30.16 24.08
N THR A 238 -11.14 -29.46 23.16
CA THR A 238 -10.80 -29.58 21.75
C THR A 238 -9.44 -28.97 21.45
N GLU A 239 -9.05 -27.92 22.17
CA GLU A 239 -7.82 -27.22 21.87
C GLU A 239 -6.60 -28.11 22.12
N HIS A 240 -5.65 -28.04 21.20
CA HIS A 240 -4.45 -28.87 21.23
C HIS A 240 -3.46 -28.46 22.30
N THR A 241 -3.06 -29.44 23.11
CA THR A 241 -1.96 -29.33 24.06
C THR A 241 -1.20 -30.65 24.12
N SER A 242 0.12 -30.57 23.99
CA SER A 242 0.95 -31.76 24.04
C SER A 242 1.14 -32.25 25.48
N TYR A 243 1.02 -31.31 26.42
CA TYR A 243 1.17 -31.52 27.85
C TYR A 243 0.05 -32.41 28.38
N ALA A 244 0.37 -33.21 29.40
CA ALA A 244 -0.64 -34.05 30.02
C ALA A 244 -1.58 -33.21 30.88
N ALA A 245 -2.82 -33.68 31.02
CA ALA A 245 -3.87 -32.86 31.64
C ALA A 245 -3.53 -32.46 33.07
N ASP A 246 -2.68 -33.24 33.73
CA ASP A 246 -2.42 -33.03 35.15
C ASP A 246 -1.53 -31.81 35.42
N ARG A 247 -0.64 -31.43 34.50
CA ARG A 247 0.22 -30.28 34.72
C ARG A 247 -0.58 -29.00 34.93
N PHE A 248 -1.62 -28.79 34.13
CA PHE A 248 -2.42 -27.59 34.14
C PHE A 248 -3.79 -27.84 34.75
N LYS A 249 -4.19 -26.95 35.66
CA LYS A 249 -5.53 -27.00 36.24
C LYS A 249 -6.22 -25.65 36.07
N GLN A 250 -7.53 -25.73 35.84
CA GLN A 250 -8.39 -24.57 35.67
C GLN A 250 -9.20 -24.35 36.94
N VAL A 251 -9.30 -23.09 37.35
CA VAL A 251 -10.03 -22.72 38.56
C VAL A 251 -11.29 -22.00 38.13
N ASP A 252 -12.44 -22.64 38.39
CA ASP A 252 -13.74 -22.02 38.13
C ASP A 252 -14.04 -21.00 39.21
N GLY A 253 -14.35 -19.77 38.80
CA GLY A 253 -14.64 -18.70 39.74
C GLY A 253 -13.47 -18.35 40.62
N PHE A 254 -12.35 -17.98 40.01
CA PHE A 254 -11.12 -17.68 40.74
C PHE A 254 -11.08 -16.22 41.17
N TYR A 255 -10.28 -15.98 42.21
CA TYR A 255 -10.13 -14.72 42.92
C TYR A 255 -8.66 -14.43 43.10
N ALA A 256 -8.26 -13.22 42.75
CA ALA A 256 -6.86 -12.83 42.76
C ALA A 256 -6.65 -11.68 43.73
N ARG A 257 -5.43 -11.59 44.24
CA ARG A 257 -5.10 -10.54 45.17
C ARG A 257 -3.71 -10.02 44.84
N ASP A 258 -3.57 -8.71 44.80
CA ASP A 258 -2.35 -8.07 44.34
C ASP A 258 -1.18 -8.48 45.21
N LEU A 259 0.01 -8.53 44.61
CA LEU A 259 1.15 -9.03 45.37
C LEU A 259 1.75 -7.94 46.25
N THR A 260 1.65 -6.68 45.83
CA THR A 260 2.00 -5.55 46.68
C THR A 260 0.78 -4.98 47.40
N THR A 261 -0.19 -4.44 46.64
CA THR A 261 -1.41 -3.91 47.23
C THR A 261 -2.13 -4.95 48.09
N LYS A 262 -2.20 -6.21 47.62
CA LYS A 262 -2.76 -7.30 48.42
C LYS A 262 -4.21 -7.00 48.83
N ALA A 263 -4.92 -6.26 47.98
CA ALA A 263 -6.36 -6.13 48.04
C ALA A 263 -6.96 -7.01 46.97
N ARG A 264 -7.92 -7.85 47.35
CA ARG A 264 -8.47 -8.79 46.38
C ARG A 264 -9.15 -8.03 45.25
N ALA A 265 -8.95 -8.50 44.03
CA ALA A 265 -9.65 -7.92 42.90
C ALA A 265 -11.14 -8.19 43.02
N THR A 266 -11.94 -7.15 42.74
CA THR A 266 -13.38 -7.29 42.90
C THR A 266 -13.93 -8.36 41.96
N ALA A 267 -13.35 -8.47 40.77
CA ALA A 267 -13.88 -9.31 39.71
C ALA A 267 -13.54 -10.79 39.95
N PRO A 268 -14.45 -11.68 39.58
CA PRO A 268 -14.14 -13.11 39.61
C PRO A 268 -13.68 -13.60 38.24
N THR A 269 -12.44 -14.08 38.14
CA THR A 269 -11.87 -14.47 36.86
C THR A 269 -11.65 -15.96 36.83
N THR A 270 -12.16 -16.64 35.80
CA THR A 270 -11.79 -18.03 35.61
C THR A 270 -10.29 -18.10 35.34
N ARG A 271 -9.58 -18.94 36.08
CA ARG A 271 -8.12 -18.92 36.02
C ARG A 271 -7.59 -20.20 35.40
N ASN A 272 -6.37 -20.11 34.86
CA ASN A 272 -5.69 -21.24 34.24
C ASN A 272 -4.24 -21.27 34.69
N LEU A 273 -3.75 -22.48 35.04
CA LEU A 273 -2.40 -22.64 35.57
C LEU A 273 -1.70 -23.83 34.92
N LEU A 274 -0.64 -23.56 34.15
CA LEU A 274 0.16 -24.60 33.49
C LEU A 274 1.60 -24.57 33.99
N THR A 275 2.11 -25.73 34.36
CA THR A 275 3.50 -25.86 34.83
C THR A 275 4.38 -26.48 33.75
N THR A 276 5.60 -25.96 33.63
CA THR A 276 6.64 -26.46 32.76
C THR A 276 7.75 -27.09 33.58
N PRO A 277 8.66 -27.85 32.95
CA PRO A 277 9.81 -28.36 33.71
C PRO A 277 10.72 -27.26 34.26
N LYS A 278 10.51 -26.01 33.86
CA LYS A 278 11.29 -24.88 34.36
C LYS A 278 10.48 -23.87 35.15
N PHE A 279 9.20 -23.71 34.90
CA PHE A 279 8.40 -22.67 35.53
C PHE A 279 6.92 -23.01 35.43
N THR A 280 6.10 -22.13 35.99
CA THR A 280 4.65 -22.34 36.04
C THR A 280 3.97 -21.00 35.83
N VAL A 281 3.05 -20.93 34.87
CA VAL A 281 2.42 -19.67 34.47
C VAL A 281 0.91 -19.77 34.68
N ALA A 282 0.30 -18.62 34.94
CA ALA A 282 -1.13 -18.54 35.19
C ALA A 282 -1.71 -17.30 34.51
N TRP A 283 -2.97 -17.40 34.09
CA TRP A 283 -3.61 -16.30 33.37
C TRP A 283 -5.12 -16.44 33.47
N ASP A 284 -5.81 -15.35 33.08
CA ASP A 284 -7.26 -15.32 33.03
C ASP A 284 -7.76 -15.83 31.67
N TRP A 285 -8.91 -16.51 31.69
CA TRP A 285 -9.41 -17.21 30.52
C TRP A 285 -10.54 -16.43 29.86
N VAL A 286 -10.50 -16.36 28.53
CA VAL A 286 -11.54 -15.70 27.74
C VAL A 286 -11.86 -16.57 26.52
N PRO A 287 -13.04 -16.37 25.92
CA PRO A 287 -13.38 -17.14 24.71
C PRO A 287 -12.55 -16.76 23.49
N LYS A 288 -12.81 -17.42 22.36
CA LYS A 288 -11.94 -17.35 21.19
C LYS A 288 -12.42 -16.32 20.15
N ARG A 289 -13.51 -16.64 19.45
CA ARG A 289 -13.95 -15.81 18.35
C ARG A 289 -14.23 -14.36 18.75
N PRO A 290 -14.81 -14.04 19.93
CA PRO A 290 -14.92 -12.64 20.32
C PRO A 290 -13.65 -12.09 20.93
N SER A 291 -12.48 -12.57 20.47
CA SER A 291 -11.20 -12.11 20.98
C SER A 291 -10.11 -12.01 19.91
N VAL A 292 -10.10 -12.87 18.90
CA VAL A 292 -9.11 -12.83 17.83
C VAL A 292 -9.84 -12.74 16.49
N CYS A 293 -9.08 -12.49 15.44
CA CYS A 293 -9.66 -12.28 14.12
C CYS A 293 -8.56 -12.21 13.06
N THR A 294 -8.69 -12.98 11.97
CA THR A 294 -7.69 -12.93 10.92
C THR A 294 -7.63 -11.55 10.28
N MET A 295 -8.74 -10.83 10.29
CA MET A 295 -8.80 -9.48 9.74
C MET A 295 -8.69 -8.45 10.86
N THR A 296 -8.56 -7.18 10.46
CA THR A 296 -8.37 -6.08 11.40
C THR A 296 -8.91 -4.82 10.73
N LYS A 297 -9.51 -3.91 11.52
CA LYS A 297 -10.10 -2.73 10.89
C LYS A 297 -9.00 -1.76 10.47
N TRP A 298 -9.03 -1.40 9.19
CA TRP A 298 -8.00 -0.55 8.63
C TRP A 298 -8.51 0.87 8.40
N GLN A 299 -9.58 1.05 7.64
CA GLN A 299 -10.00 2.41 7.38
C GLN A 299 -11.52 2.58 7.39
N GLU A 300 -11.90 3.83 7.71
CA GLU A 300 -13.27 4.28 7.87
C GLU A 300 -13.53 5.39 6.87
N VAL A 301 -14.41 5.16 5.91
CA VAL A 301 -14.74 6.14 4.89
C VAL A 301 -16.21 6.50 4.99
N ASP A 302 -16.49 7.76 5.30
CA ASP A 302 -17.86 8.23 5.29
C ASP A 302 -18.35 8.60 3.89
N GLU A 303 -17.47 8.90 2.94
CA GLU A 303 -17.87 9.26 1.58
C GLU A 303 -17.27 8.25 0.58
N MET A 304 -17.79 7.03 0.62
CA MET A 304 -17.39 5.98 -0.33
C MET A 304 -18.46 5.85 -1.40
N LEU A 305 -18.07 6.00 -2.66
CA LEU A 305 -19.00 6.00 -3.78
C LEU A 305 -18.88 4.68 -4.54
N ARG A 306 -19.94 3.88 -4.54
CA ARG A 306 -19.96 2.69 -5.38
C ARG A 306 -20.39 3.01 -6.79
N SER A 307 -19.68 2.43 -7.76
CA SER A 307 -20.06 2.47 -9.16
C SER A 307 -20.07 1.07 -9.72
N GLU A 308 -20.98 0.84 -10.68
CA GLU A 308 -21.05 -0.42 -11.41
C GLU A 308 -20.61 -0.17 -12.85
N TYR A 309 -19.62 -0.91 -13.32
CA TYR A 309 -19.17 -0.76 -14.69
C TYR A 309 -18.47 -2.03 -15.15
N GLY A 310 -18.68 -2.38 -16.40
CA GLY A 310 -18.01 -3.51 -17.04
C GLY A 310 -18.01 -4.79 -16.24
N GLY A 311 -19.05 -5.00 -15.43
CA GLY A 311 -19.12 -6.18 -14.61
C GLY A 311 -18.23 -6.15 -13.39
N SER A 312 -18.19 -5.04 -12.67
CA SER A 312 -17.48 -4.95 -11.40
C SER A 312 -17.89 -3.66 -10.70
N PHE A 313 -17.58 -3.58 -9.41
CA PHE A 313 -17.83 -2.40 -8.60
C PHE A 313 -16.54 -1.66 -8.33
N ARG A 314 -16.62 -0.34 -8.29
CA ARG A 314 -15.49 0.53 -7.97
C ARG A 314 -15.90 1.43 -6.83
N PHE A 315 -15.13 1.41 -5.75
CA PHE A 315 -15.44 2.13 -4.51
C PHE A 315 -14.49 3.32 -4.40
N SER A 316 -15.00 4.49 -4.73
CA SER A 316 -14.21 5.72 -4.76
C SER A 316 -14.53 6.54 -3.51
N SER A 317 -13.68 6.40 -2.49
CA SER A 317 -13.61 7.41 -1.44
C SER A 317 -12.97 8.66 -2.00
N ASP A 318 -13.80 9.69 -2.22
CA ASP A 318 -13.28 11.00 -2.58
C ASP A 318 -12.43 11.58 -1.45
N ALA A 319 -12.68 11.14 -0.21
CA ALA A 319 -11.98 11.69 0.94
C ALA A 319 -10.51 11.29 0.95
N ILE A 320 -10.20 10.05 0.60
CA ILE A 320 -8.83 9.57 0.66
C ILE A 320 -8.29 9.19 -0.71
N SER A 321 -8.98 9.59 -1.78
CA SER A 321 -8.48 9.45 -3.15
C SER A 321 -8.35 7.97 -3.53
N THR A 322 -9.45 7.22 -3.43
CA THR A 322 -9.32 5.77 -3.56
C THR A 322 -10.46 5.18 -4.35
N THR A 323 -10.15 4.18 -5.17
CA THR A 323 -11.15 3.38 -5.87
C THR A 323 -10.84 1.91 -5.67
N PHE A 324 -11.89 1.10 -5.49
CA PHE A 324 -11.75 -0.32 -5.22
C PHE A 324 -12.46 -1.14 -6.29
N THR A 325 -11.87 -2.28 -6.63
CA THR A 325 -12.41 -3.19 -7.63
C THR A 325 -12.93 -4.43 -6.91
N THR A 326 -14.21 -4.75 -7.13
CA THR A 326 -14.82 -5.90 -6.49
C THR A 326 -15.71 -6.65 -7.47
N ASN A 327 -15.77 -7.97 -7.31
CA ASN A 327 -16.78 -8.75 -7.99
C ASN A 327 -18.19 -8.32 -7.56
N LEU A 328 -19.17 -8.76 -8.34
CA LEU A 328 -20.55 -8.34 -8.13
C LEU A 328 -21.10 -8.85 -6.81
N THR A 329 -20.84 -10.12 -6.51
CA THR A 329 -21.46 -10.77 -5.36
C THR A 329 -20.68 -10.44 -4.09
N GLU A 330 -21.39 -10.30 -2.97
CA GLU A 330 -20.69 -10.07 -1.71
C GLU A 330 -19.84 -11.28 -1.38
N TYR A 331 -18.78 -11.03 -0.62
CA TYR A 331 -17.98 -12.12 -0.09
C TYR A 331 -18.76 -12.81 1.04
N PRO A 332 -18.81 -14.14 1.07
CA PRO A 332 -19.51 -14.83 2.16
C PRO A 332 -18.68 -14.80 3.43
N LEU A 333 -19.17 -14.06 4.42
CA LEU A 333 -18.48 -13.88 5.70
C LEU A 333 -18.26 -15.19 6.39
N SER A 334 -19.24 -16.09 6.28
CA SER A 334 -19.12 -17.40 6.91
C SER A 334 -17.80 -18.05 6.52
N ARG A 335 -17.46 -17.96 5.22
CA ARG A 335 -16.15 -18.44 4.79
C ARG A 335 -15.00 -17.66 5.41
N VAL A 336 -15.22 -16.43 5.88
CA VAL A 336 -14.17 -15.79 6.67
C VAL A 336 -13.91 -16.63 7.91
N ASP A 337 -12.64 -16.86 8.20
CA ASP A 337 -12.25 -17.64 9.36
C ASP A 337 -12.14 -16.73 10.56
N LEU A 338 -12.90 -17.03 11.61
CA LEU A 338 -12.71 -16.34 12.88
C LEU A 338 -12.95 -14.85 12.73
N GLY A 339 -13.79 -14.50 11.76
CA GLY A 339 -14.10 -13.12 11.46
C GLY A 339 -15.33 -12.66 12.18
N ASP A 340 -15.43 -12.97 13.47
CA ASP A 340 -16.48 -12.39 14.29
C ASP A 340 -16.14 -10.98 14.76
N CYS A 341 -14.89 -10.55 14.61
CA CYS A 341 -14.56 -9.15 14.82
C CYS A 341 -15.24 -8.27 13.78
N ILE A 342 -15.43 -8.80 12.57
CA ILE A 342 -15.85 -8.01 11.42
C ILE A 342 -17.20 -7.35 11.68
N GLY A 343 -18.23 -8.17 11.87
CA GLY A 343 -19.58 -7.66 12.09
C GLY A 343 -19.64 -6.60 13.17
N LYS A 344 -19.19 -6.95 14.37
CA LYS A 344 -19.23 -6.02 15.49
C LYS A 344 -18.57 -4.69 15.15
N ASP A 345 -17.33 -4.74 14.66
CA ASP A 345 -16.57 -3.52 14.38
C ASP A 345 -17.30 -2.66 13.35
N ALA A 346 -17.63 -3.23 12.19
CA ALA A 346 -18.27 -2.46 11.13
C ALA A 346 -19.58 -1.86 11.61
N ARG A 347 -20.38 -2.64 12.35
CA ARG A 347 -21.65 -2.13 12.87
C ARG A 347 -21.43 -0.88 13.72
N ASP A 348 -20.57 -0.97 14.74
CA ASP A 348 -20.36 0.18 15.63
C ASP A 348 -19.88 1.40 14.85
N ALA A 349 -18.86 1.23 14.00
CA ALA A 349 -18.31 2.38 13.28
C ALA A 349 -19.37 3.03 12.39
N MET A 350 -20.07 2.24 11.56
CA MET A 350 -21.05 2.81 10.65
C MET A 350 -22.16 3.52 11.40
N ASP A 351 -22.62 2.95 12.52
CA ASP A 351 -23.62 3.64 13.33
C ASP A 351 -23.12 5.00 13.77
N ARG A 352 -21.90 5.05 14.31
CA ARG A 352 -21.37 6.33 14.79
C ARG A 352 -21.31 7.37 13.68
N ILE A 353 -20.83 6.99 12.49
CA ILE A 353 -20.74 7.95 11.40
C ILE A 353 -22.12 8.44 10.98
N PHE A 354 -23.06 7.51 10.76
CA PHE A 354 -24.37 7.89 10.25
C PHE A 354 -25.11 8.79 11.24
N ALA A 355 -25.09 8.44 12.53
CA ALA A 355 -25.68 9.32 13.52
C ALA A 355 -24.96 10.67 13.56
N ARG A 356 -23.66 10.69 13.24
CA ARG A 356 -22.92 11.94 13.27
C ARG A 356 -23.34 12.90 12.16
N ARG A 357 -23.22 12.46 10.91
CA ARG A 357 -23.21 13.39 9.79
C ARG A 357 -24.25 13.13 8.70
N TYR A 358 -24.81 11.92 8.60
CA TYR A 358 -25.80 11.64 7.57
C TYR A 358 -27.25 11.54 8.09
N ASN A 359 -27.52 11.80 9.37
CA ASN A 359 -28.71 11.12 9.93
C ASN A 359 -30.02 11.75 9.46
N ALA A 360 -30.03 13.04 9.10
CA ALA A 360 -31.26 13.70 8.71
C ALA A 360 -31.32 14.02 7.22
N THR A 361 -30.32 13.64 6.44
CA THR A 361 -30.25 13.98 5.03
C THR A 361 -30.50 12.78 4.12
N HIS A 362 -29.92 11.63 4.44
CA HIS A 362 -30.17 10.39 3.72
C HIS A 362 -30.87 9.41 4.68
N ILE A 363 -31.18 8.22 4.15
CA ILE A 363 -31.74 7.14 4.95
C ILE A 363 -31.12 5.82 4.49
N LYS A 364 -31.03 4.87 5.43
CA LYS A 364 -30.39 3.60 5.13
C LYS A 364 -31.17 2.80 4.09
N VAL A 365 -30.44 2.02 3.30
CA VAL A 365 -30.99 1.21 2.24
C VAL A 365 -30.40 -0.19 2.37
N GLY A 366 -31.20 -1.14 2.82
CA GLY A 366 -30.77 -2.51 2.89
C GLY A 366 -29.84 -2.79 4.05
N GLN A 367 -29.42 -4.01 4.12
CA GLN A 367 -28.47 -4.45 5.13
C GLN A 367 -27.05 -4.29 4.59
N PRO A 368 -26.07 -4.11 5.49
CA PRO A 368 -24.69 -3.85 5.03
C PRO A 368 -24.16 -4.98 4.16
N GLN A 369 -23.11 -4.67 3.41
CA GLN A 369 -22.58 -5.57 2.39
C GLN A 369 -21.09 -5.77 2.60
N TYR A 370 -20.60 -6.96 2.29
CA TYR A 370 -19.18 -7.26 2.49
C TYR A 370 -18.60 -7.69 1.14
N TYR A 371 -18.24 -6.72 0.32
CA TYR A 371 -17.62 -7.04 -0.95
C TYR A 371 -16.15 -7.36 -0.73
N LEU A 372 -15.64 -8.27 -1.56
CA LEU A 372 -14.24 -8.68 -1.50
C LEU A 372 -13.42 -7.79 -2.43
N ALA A 373 -12.50 -7.03 -1.84
CA ALA A 373 -11.72 -6.05 -2.57
C ALA A 373 -10.50 -6.72 -3.21
N ASN A 374 -10.46 -6.68 -4.54
CA ASN A 374 -9.33 -7.14 -5.33
C ASN A 374 -8.03 -6.58 -4.77
N GLY A 375 -7.12 -7.48 -4.40
CA GLY A 375 -5.96 -7.13 -3.62
C GLY A 375 -6.00 -7.64 -2.20
N GLY A 376 -7.14 -8.19 -1.78
CA GLY A 376 -7.26 -8.81 -0.48
C GLY A 376 -7.70 -7.86 0.61
N PHE A 377 -8.62 -6.94 0.29
CA PHE A 377 -9.11 -5.96 1.27
C PHE A 377 -10.60 -6.21 1.48
N LEU A 378 -10.98 -6.68 2.67
CA LEU A 378 -12.38 -6.99 2.90
C LEU A 378 -13.15 -5.70 3.13
N ILE A 379 -14.25 -5.52 2.41
CA ILE A 379 -14.99 -4.25 2.40
C ILE A 379 -16.35 -4.45 3.03
N ALA A 380 -16.66 -3.58 4.00
CA ALA A 380 -18.02 -3.38 4.49
C ALA A 380 -18.53 -2.09 3.88
N TYR A 381 -19.68 -2.16 3.20
CA TYR A 381 -20.23 -1.03 2.45
C TYR A 381 -21.72 -0.96 2.72
N GLN A 382 -22.18 0.24 3.07
CA GLN A 382 -23.58 0.51 3.34
C GLN A 382 -24.11 1.48 2.29
N PRO A 383 -25.04 1.04 1.44
CA PRO A 383 -25.73 1.97 0.55
C PRO A 383 -26.70 2.85 1.33
N LEU A 384 -27.12 3.94 0.69
CA LEU A 384 -28.01 4.91 1.31
C LEU A 384 -28.48 5.90 0.26
N LEU A 385 -29.72 6.36 0.43
CA LEU A 385 -30.37 7.28 -0.50
C LEU A 385 -30.91 8.49 0.27
N SER A 386 -31.02 9.60 -0.45
CA SER A 386 -31.48 10.85 0.16
C SER A 386 -32.99 10.84 0.36
N ASN A 387 -33.44 11.53 1.41
CA ASN A 387 -34.85 11.83 1.56
C ASN A 387 -35.41 12.56 0.35
N THR A 388 -34.52 13.20 -0.43
CA THR A 388 -34.94 13.91 -1.62
C THR A 388 -35.69 12.99 -2.58
N LEU A 389 -35.21 11.76 -2.73
CA LEU A 389 -35.76 10.77 -3.63
C LEU A 389 -35.81 9.40 -2.95
N ALA A 390 -36.62 9.33 -1.88
CA ALA A 390 -36.94 8.07 -1.21
C ALA A 390 -37.98 7.26 -1.97
N GLU A 391 -38.65 7.91 -2.93
CA GLU A 391 -39.61 7.26 -3.82
C GLU A 391 -39.05 5.96 -4.39
N LEU A 392 -37.75 5.93 -4.62
CA LEU A 392 -37.10 4.85 -5.34
C LEU A 392 -36.72 3.70 -4.43
N TYR A 393 -36.87 3.87 -3.10
CA TYR A 393 -36.23 2.93 -2.19
C TYR A 393 -36.62 1.49 -2.50
N VAL A 394 -37.91 1.21 -2.71
CA VAL A 394 -38.32 -0.16 -3.02
C VAL A 394 -37.33 -0.78 -4.00
N ARG A 395 -37.21 -0.17 -5.19
CA ARG A 395 -36.31 -0.72 -6.19
C ARG A 395 -34.94 -0.98 -5.56
N GLU A 396 -34.30 0.10 -5.09
CA GLU A 396 -32.94 -0.02 -4.60
C GLU A 396 -32.84 -1.09 -3.54
N HIS A 397 -33.81 -1.15 -2.61
CA HIS A 397 -33.69 -2.13 -1.54
C HIS A 397 -33.65 -3.53 -2.14
N LEU A 398 -34.71 -3.89 -2.88
CA LEU A 398 -34.72 -5.15 -3.59
C LEU A 398 -33.41 -5.33 -4.31
N ARG A 399 -32.98 -4.31 -5.03
CA ARG A 399 -31.86 -4.61 -5.88
C ARG A 399 -30.60 -4.77 -5.03
N GLU A 400 -30.47 -4.01 -3.92
CA GLU A 400 -29.37 -4.28 -2.97
C GLU A 400 -29.47 -5.70 -2.37
N GLN A 401 -30.70 -6.14 -2.05
CA GLN A 401 -30.80 -7.47 -1.46
C GLN A 401 -30.43 -8.54 -2.45
N SER A 402 -30.55 -8.24 -3.75
CA SER A 402 -30.19 -9.22 -4.76
C SER A 402 -28.70 -9.48 -4.80
N ARG A 403 -27.94 -8.74 -4.00
CA ARG A 403 -26.55 -8.68 -4.45
C ARG A 403 -25.65 -9.69 -3.66
N LYS A 404 -25.95 -9.93 -2.40
CA LYS A 404 -25.39 -11.05 -1.65
C LYS A 404 -25.96 -12.36 -2.19
N PRO A 405 -25.11 -13.30 -2.57
CA PRO A 405 -25.62 -14.63 -2.99
C PRO A 405 -25.84 -15.55 -1.80
N PRO A 406 -26.72 -16.53 -1.93
CA PRO A 406 -26.80 -17.59 -0.92
C PRO A 406 -26.02 -18.81 -1.38
N ASN A 407 -24.89 -18.58 -2.06
CA ASN A 407 -24.13 -19.69 -2.63
C ASN A 407 -23.58 -20.68 -1.59
N PRO A 408 -23.18 -20.28 -0.38
CA PRO A 408 -22.69 -21.29 0.59
C PRO A 408 -23.75 -22.22 1.13
N THR A 409 -25.04 -21.91 0.99
CA THR A 409 -26.10 -22.67 1.63
C THR A 409 -26.34 -24.07 1.03
N PRO A 410 -26.38 -24.24 -0.29
CA PRO A 410 -26.65 -25.58 -0.85
C PRO A 410 -25.61 -26.62 -0.46
N PRO A 411 -24.29 -26.29 -0.40
CA PRO A 411 -23.39 -27.36 0.04
C PRO A 411 -23.71 -27.96 1.42
N ALA A 419 -18.41 -27.70 6.21
CA ALA A 419 -17.95 -26.32 6.12
C ALA A 419 -16.44 -26.26 5.89
N SER A 420 -16.05 -25.59 4.81
CA SER A 420 -14.64 -25.32 4.52
C SER A 420 -14.41 -23.81 4.59
N VAL A 421 -13.35 -23.41 5.28
CA VAL A 421 -13.11 -22.02 5.60
C VAL A 421 -11.81 -21.60 4.91
N GLU A 422 -11.52 -20.31 4.94
CA GLU A 422 -10.30 -19.77 4.32
C GLU A 422 -9.95 -18.45 4.97
N ARG A 423 -8.67 -18.09 4.91
CA ARG A 423 -8.24 -16.75 5.28
C ARG A 423 -8.31 -15.81 4.09
N ILE A 424 -8.04 -14.54 4.34
CA ILE A 424 -7.96 -13.51 3.32
C ILE A 424 -6.50 -13.07 3.22
N LYS A 425 -5.90 -13.29 2.04
CA LYS A 425 -4.54 -12.85 1.80
C LYS A 425 -4.53 -11.37 1.45
N THR A 426 -3.85 -10.57 2.27
CA THR A 426 -3.81 -9.12 2.13
C THR A 426 -2.41 -8.68 1.77
N THR A 427 -2.32 -7.75 0.81
CA THR A 427 -1.04 -7.23 0.34
C THR A 427 -0.50 -6.20 1.33
N SER A 428 0.58 -5.50 0.94
CA SER A 428 1.19 -4.49 1.77
C SER A 428 1.43 -3.17 1.04
N SER A 429 0.99 -3.05 -0.20
CA SER A 429 1.08 -1.81 -0.95
C SER A 429 -0.32 -1.44 -1.47
N ILE A 430 -0.56 -0.13 -1.59
CA ILE A 430 -1.90 0.42 -1.76
C ILE A 430 -2.04 1.21 -3.05
N GLU A 431 -1.06 1.17 -3.94
CA GLU A 431 -0.97 2.21 -4.95
C GLU A 431 -1.94 2.01 -6.11
N PHE A 432 -2.34 0.77 -6.41
CA PHE A 432 -3.34 0.54 -7.45
C PHE A 432 -4.58 1.40 -7.25
N ALA A 433 -4.91 1.75 -6.01
CA ALA A 433 -6.14 2.46 -5.68
C ALA A 433 -5.99 3.96 -5.88
N ARG A 434 -4.88 4.53 -5.43
CA ARG A 434 -4.59 5.94 -5.69
C ARG A 434 -4.45 6.20 -7.18
N LEU A 435 -3.58 5.42 -7.83
CA LEU A 435 -3.41 5.60 -9.26
C LEU A 435 -4.70 5.32 -10.00
N GLN A 436 -5.45 4.30 -9.60
CA GLN A 436 -6.67 3.95 -10.32
C GLN A 436 -7.74 5.01 -10.14
N PHE A 437 -7.91 5.51 -8.90
CA PHE A 437 -8.77 6.66 -8.64
C PHE A 437 -8.37 7.86 -9.47
N THR A 438 -7.12 8.29 -9.37
CA THR A 438 -6.68 9.48 -10.10
C THR A 438 -6.89 9.33 -11.60
N TYR A 439 -6.45 8.22 -12.17
CA TYR A 439 -6.65 8.00 -13.60
C TYR A 439 -8.12 8.00 -13.97
N ASN A 440 -9.01 7.60 -13.05
CA ASN A 440 -10.44 7.69 -13.35
C ASN A 440 -11.01 9.09 -13.17
N HIS A 441 -10.38 9.92 -12.34
CA HIS A 441 -10.89 11.27 -12.12
C HIS A 441 -10.37 12.24 -13.17
N ILE A 442 -9.05 12.19 -13.41
CA ILE A 442 -8.47 12.79 -14.60
C ILE A 442 -9.21 12.33 -15.85
N GLN A 443 -9.26 11.01 -16.05
CA GLN A 443 -9.98 10.46 -17.20
C GLN A 443 -11.40 10.99 -17.29
N ARG A 444 -12.08 11.07 -16.14
CA ARG A 444 -13.44 11.60 -16.13
C ARG A 444 -13.47 13.02 -16.64
N HIS A 445 -12.67 13.90 -16.04
CA HIS A 445 -12.69 15.31 -16.41
C HIS A 445 -12.29 15.50 -17.87
N VAL A 446 -11.14 14.95 -18.26
CA VAL A 446 -10.62 15.22 -19.59
C VAL A 446 -11.54 14.65 -20.66
N ASN A 447 -12.01 13.42 -20.48
CA ASN A 447 -12.91 12.87 -21.49
C ASN A 447 -14.25 13.58 -21.49
N ASP A 448 -14.68 14.07 -20.33
CA ASP A 448 -15.92 14.83 -20.22
C ASP A 448 -15.83 16.11 -21.05
N MET A 449 -14.80 16.92 -20.78
CA MET A 449 -14.62 18.17 -21.50
C MET A 449 -14.39 17.91 -22.99
N LEU A 450 -13.54 16.93 -23.31
CA LEU A 450 -13.31 16.54 -24.70
C LEU A 450 -14.62 16.24 -25.42
N GLY A 451 -15.52 15.49 -24.76
CA GLY A 451 -16.80 15.21 -25.37
C GLY A 451 -17.61 16.47 -25.61
N ARG A 452 -17.75 17.30 -24.57
CA ARG A 452 -18.52 18.54 -24.69
C ARG A 452 -18.03 19.39 -25.86
N VAL A 453 -16.71 19.53 -26.01
CA VAL A 453 -16.17 20.37 -27.07
C VAL A 453 -16.32 19.69 -28.42
N ALA A 454 -16.25 18.35 -28.46
CA ALA A 454 -16.54 17.65 -29.71
C ALA A 454 -17.94 18.00 -30.22
N ILE A 455 -18.93 17.92 -29.34
CA ILE A 455 -20.29 18.28 -29.72
C ILE A 455 -20.35 19.73 -30.20
N ALA A 456 -19.77 20.64 -29.40
CA ALA A 456 -19.85 22.06 -29.73
C ALA A 456 -19.24 22.36 -31.09
N TRP A 457 -18.08 21.78 -31.39
CA TRP A 457 -17.48 21.96 -32.71
C TRP A 457 -18.41 21.43 -33.80
N CYS A 458 -18.89 20.19 -33.64
CA CYS A 458 -19.77 19.60 -34.65
C CYS A 458 -20.93 20.53 -34.99
N GLU A 459 -21.65 21.00 -33.97
CA GLU A 459 -22.80 21.86 -34.21
C GLU A 459 -22.39 23.26 -34.65
N LEU A 460 -21.14 23.69 -34.40
CA LEU A 460 -20.67 24.95 -34.95
C LEU A 460 -20.46 24.84 -36.46
N GLN A 461 -19.70 23.83 -36.90
CA GLN A 461 -19.54 23.59 -38.33
C GLN A 461 -20.88 23.45 -39.01
N ASN A 462 -21.84 22.77 -38.37
CA ASN A 462 -23.19 22.72 -38.93
C ASN A 462 -23.79 24.12 -39.03
N HIS A 463 -23.59 24.94 -38.00
CA HIS A 463 -24.20 26.26 -37.95
C HIS A 463 -23.61 27.18 -39.02
N GLU A 464 -22.36 26.94 -39.44
CA GLU A 464 -21.68 27.83 -40.38
C GLU A 464 -22.28 27.79 -41.77
N LEU A 465 -22.82 26.63 -42.19
CA LEU A 465 -23.17 26.42 -43.58
C LEU A 465 -24.11 27.50 -44.12
N THR A 466 -24.92 28.10 -43.26
CA THR A 466 -25.76 29.21 -43.69
C THR A 466 -24.89 30.41 -44.09
N LEU A 467 -23.94 30.77 -43.21
CA LEU A 467 -22.97 31.80 -43.54
C LEU A 467 -22.24 31.48 -44.85
N TRP A 468 -21.74 30.26 -44.97
CA TRP A 468 -21.11 29.82 -46.21
C TRP A 468 -22.08 29.75 -47.37
N ASN A 469 -23.38 29.88 -47.12
CA ASN A 469 -24.38 29.69 -48.17
C ASN A 469 -24.79 31.03 -48.78
N GLU A 470 -25.05 32.02 -47.95
CA GLU A 470 -25.24 33.36 -48.52
C GLU A 470 -23.91 33.90 -49.01
N ALA A 471 -22.83 33.55 -48.28
CA ALA A 471 -21.48 33.93 -48.72
C ALA A 471 -21.13 33.28 -50.05
N ARG A 472 -21.40 31.98 -50.19
CA ARG A 472 -21.17 31.33 -51.48
C ARG A 472 -22.02 31.96 -52.58
N LYS A 473 -23.21 32.46 -52.23
CA LYS A 473 -24.01 33.14 -53.23
C LYS A 473 -23.35 34.43 -53.69
N LEU A 474 -22.74 35.19 -52.77
CA LEU A 474 -22.23 36.52 -53.12
C LEU A 474 -21.13 36.44 -54.17
N ASN A 475 -20.09 35.63 -53.93
CA ASN A 475 -18.93 35.55 -54.81
C ASN A 475 -18.58 34.08 -55.04
N PRO A 476 -19.13 33.46 -56.07
CA PRO A 476 -18.95 32.00 -56.25
C PRO A 476 -17.49 31.58 -56.40
N ASN A 477 -16.70 32.34 -57.15
CA ASN A 477 -15.33 31.92 -57.46
C ASN A 477 -14.51 31.69 -56.20
N ALA A 478 -14.56 32.66 -55.28
CA ALA A 478 -13.75 32.57 -54.07
C ALA A 478 -14.15 31.37 -53.22
N ILE A 479 -15.45 31.21 -52.97
CA ILE A 479 -15.92 30.14 -52.09
C ILE A 479 -15.68 28.77 -52.73
N ALA A 480 -15.87 28.66 -54.04
CA ALA A 480 -15.60 27.39 -54.70
C ALA A 480 -14.12 27.06 -54.66
N SER A 481 -13.26 28.06 -54.81
CA SER A 481 -11.82 27.81 -54.78
C SER A 481 -11.36 27.39 -53.38
N VAL A 482 -11.82 28.10 -52.35
CA VAL A 482 -11.50 27.73 -50.98
C VAL A 482 -12.09 26.37 -50.64
N THR A 483 -13.21 26.01 -51.27
CA THR A 483 -13.92 24.79 -50.92
C THR A 483 -13.29 23.57 -51.56
N VAL A 484 -13.23 23.54 -52.89
CA VAL A 484 -12.67 22.40 -53.60
C VAL A 484 -11.20 22.20 -53.24
N GLY A 485 -10.49 23.29 -52.97
CA GLY A 485 -9.09 23.25 -52.63
C GLY A 485 -8.19 23.89 -53.67
N ARG A 486 -8.53 23.77 -54.94
CA ARG A 486 -7.80 24.40 -56.03
C ARG A 486 -8.61 25.56 -56.59
N ARG A 487 -7.90 26.50 -57.21
CA ARG A 487 -8.56 27.61 -57.89
C ARG A 487 -9.38 27.10 -59.06
N VAL A 488 -10.69 27.38 -59.04
CA VAL A 488 -11.60 27.00 -60.11
C VAL A 488 -12.59 28.14 -60.36
N SER A 489 -13.22 28.09 -61.53
CA SER A 489 -14.33 28.97 -61.83
C SER A 489 -15.61 28.39 -61.25
N ALA A 490 -16.64 29.23 -61.17
CA ALA A 490 -17.91 28.80 -60.60
C ALA A 490 -19.00 29.74 -61.04
N ARG A 491 -20.19 29.17 -61.27
CA ARG A 491 -21.38 29.98 -61.46
C ARG A 491 -22.60 29.19 -60.98
N MET A 492 -23.59 29.92 -60.49
CA MET A 492 -24.78 29.30 -59.92
C MET A 492 -25.64 28.69 -61.02
N LEU A 493 -25.83 27.37 -60.96
CA LEU A 493 -26.65 26.65 -61.92
C LEU A 493 -27.95 26.25 -61.22
N GLY A 494 -28.73 27.26 -60.86
CA GLY A 494 -29.93 27.02 -60.08
C GLY A 494 -29.57 26.84 -58.62
N ASP A 495 -30.03 25.75 -58.02
CA ASP A 495 -29.73 25.41 -56.64
C ASP A 495 -28.43 24.64 -56.49
N VAL A 496 -27.50 24.80 -57.43
CA VAL A 496 -26.25 24.03 -57.43
C VAL A 496 -25.18 24.92 -58.06
N MET A 497 -23.95 24.40 -58.17
CA MET A 497 -22.82 25.20 -58.61
C MET A 497 -22.05 24.46 -59.70
N ALA A 498 -21.80 25.14 -60.81
CA ALA A 498 -21.03 24.58 -61.92
C ALA A 498 -19.62 25.17 -61.91
N VAL A 499 -18.63 24.33 -62.25
CA VAL A 499 -17.22 24.71 -62.14
C VAL A 499 -16.44 24.23 -63.36
N SER A 500 -15.25 24.80 -63.51
CA SER A 500 -14.26 24.38 -64.50
C SER A 500 -12.92 24.96 -64.07
N THR A 501 -11.85 24.21 -64.30
CA THR A 501 -10.53 24.58 -63.76
C THR A 501 -10.01 25.84 -64.45
N CYS A 502 -9.28 26.65 -63.68
CA CYS A 502 -8.71 27.90 -64.18
C CYS A 502 -7.45 27.59 -65.00
N VAL A 503 -6.73 28.64 -65.41
CA VAL A 503 -5.51 28.49 -66.19
C VAL A 503 -4.38 29.27 -65.53
N PRO A 504 -3.25 28.63 -65.23
CA PRO A 504 -2.11 29.37 -64.69
C PRO A 504 -1.43 30.24 -65.74
N VAL A 505 -0.88 31.36 -65.27
CA VAL A 505 -0.27 32.41 -66.08
C VAL A 505 0.85 33.03 -65.26
N ALA A 506 2.07 33.00 -65.81
CA ALA A 506 3.22 33.53 -65.10
C ALA A 506 3.15 35.05 -65.02
N ALA A 507 3.84 35.60 -64.02
CA ALA A 507 3.80 37.04 -63.79
C ALA A 507 4.67 37.80 -64.79
N ASP A 508 5.82 37.23 -65.17
CA ASP A 508 6.69 37.84 -66.17
C ASP A 508 6.02 37.83 -67.54
N ASN A 509 4.81 37.29 -67.61
CA ASN A 509 4.03 37.22 -68.83
C ASN A 509 2.69 37.92 -68.65
N VAL A 510 2.67 38.99 -67.87
CA VAL A 510 1.47 39.80 -67.67
C VAL A 510 1.88 41.27 -67.66
N ILE A 511 1.14 42.10 -68.40
CA ILE A 511 1.43 43.52 -68.52
C ILE A 511 0.29 44.31 -67.88
N VAL A 512 0.62 45.41 -67.23
CA VAL A 512 -0.38 46.39 -66.81
C VAL A 512 -0.30 47.58 -67.76
N GLN A 513 -1.42 47.92 -68.37
CA GLN A 513 -1.52 49.14 -69.14
C GLN A 513 -1.87 50.28 -68.20
N ASN A 514 -1.34 51.47 -68.52
CA ASN A 514 -1.29 52.56 -67.55
C ASN A 514 -2.68 53.14 -67.29
N SER A 515 -3.41 53.45 -68.35
CA SER A 515 -4.64 54.21 -68.22
C SER A 515 -5.79 53.35 -67.69
N MET A 516 -6.84 54.03 -67.24
CA MET A 516 -8.10 53.39 -66.89
C MET A 516 -9.31 54.09 -67.49
N ARG A 517 -9.12 55.18 -68.24
CA ARG A 517 -10.22 55.86 -68.92
C ARG A 517 -10.26 55.49 -70.39
N ILE A 518 -11.41 55.74 -71.00
CA ILE A 518 -11.60 55.48 -72.43
C ILE A 518 -11.28 56.75 -73.21
N SER A 519 -10.35 56.64 -74.16
CA SER A 519 -10.07 57.76 -75.04
C SER A 519 -11.26 58.10 -75.92
N SER A 520 -11.96 57.08 -76.42
CA SER A 520 -13.06 57.31 -77.36
C SER A 520 -14.29 57.87 -76.65
N ARG A 521 -14.85 57.12 -75.68
CA ARG A 521 -16.00 57.55 -74.91
C ARG A 521 -15.57 57.98 -73.50
N PRO A 522 -15.35 59.27 -73.24
CA PRO A 522 -15.04 59.70 -71.86
C PRO A 522 -16.27 59.61 -70.96
N GLY A 523 -16.15 60.08 -69.72
CA GLY A 523 -17.27 60.12 -68.81
C GLY A 523 -17.69 58.78 -68.25
N ALA A 524 -17.25 57.70 -68.91
CA ALA A 524 -17.55 56.33 -68.46
C ALA A 524 -16.28 55.50 -68.66
N CYS A 525 -15.56 55.28 -67.57
CA CYS A 525 -14.21 54.71 -67.57
C CYS A 525 -14.13 53.45 -66.72
N TYR A 526 -13.07 52.67 -66.97
CA TYR A 526 -12.96 51.35 -66.37
C TYR A 526 -12.86 51.43 -64.86
N SER A 527 -13.40 50.41 -64.19
CA SER A 527 -13.30 50.31 -62.75
C SER A 527 -12.07 49.54 -62.29
N ARG A 528 -11.44 48.76 -63.16
CA ARG A 528 -10.28 47.97 -62.81
C ARG A 528 -9.26 48.00 -63.94
N PRO A 529 -7.97 47.94 -63.62
CA PRO A 529 -6.94 48.19 -64.64
C PRO A 529 -6.94 47.16 -65.76
N LEU A 530 -6.15 47.47 -66.78
CA LEU A 530 -6.05 46.66 -67.99
C LEU A 530 -4.75 45.86 -67.98
N VAL A 531 -4.81 44.62 -68.44
CA VAL A 531 -3.66 43.74 -68.47
C VAL A 531 -3.51 43.13 -69.85
N SER A 532 -2.26 42.88 -70.23
CA SER A 532 -1.91 42.22 -71.49
C SER A 532 -0.95 41.09 -71.10
N PHE A 533 -1.52 39.92 -70.84
CA PHE A 533 -0.76 38.75 -70.44
C PHE A 533 -0.42 37.91 -71.66
N ARG A 534 0.45 36.92 -71.45
CA ARG A 534 0.66 35.89 -72.45
C ARG A 534 0.81 34.56 -71.74
N TYR A 535 0.15 33.54 -72.28
CA TYR A 535 0.12 32.26 -71.59
C TYR A 535 1.44 31.52 -71.70
N GLU A 536 2.25 31.87 -72.69
CA GLU A 536 3.55 31.26 -72.89
C GLU A 536 4.59 32.36 -73.01
N ASP A 537 5.80 32.08 -72.52
CA ASP A 537 6.87 33.09 -72.55
C ASP A 537 7.09 33.63 -73.95
N GLN A 538 6.81 32.82 -74.98
CA GLN A 538 6.84 33.24 -76.36
C GLN A 538 5.45 33.46 -76.94
N GLY A 539 4.41 33.01 -76.24
CA GLY A 539 3.06 33.07 -76.74
C GLY A 539 2.57 34.46 -77.06
N PRO A 540 1.54 34.55 -77.92
CA PRO A 540 1.04 35.86 -78.33
C PRO A 540 0.52 36.66 -77.14
N LEU A 541 0.57 37.98 -77.27
CA LEU A 541 0.04 38.85 -76.24
C LEU A 541 -1.48 38.87 -76.34
N VAL A 542 -2.14 38.70 -75.20
CA VAL A 542 -3.59 38.59 -75.11
C VAL A 542 -4.05 39.62 -74.08
N GLU A 543 -5.00 40.46 -74.49
CA GLU A 543 -5.53 41.51 -73.62
C GLU A 543 -6.71 41.03 -72.80
N GLY A 544 -6.84 41.62 -71.61
CA GLY A 544 -7.90 41.33 -70.67
C GLY A 544 -7.96 42.41 -69.62
N GLN A 545 -8.92 42.24 -68.70
CA GLN A 545 -9.15 43.20 -67.64
C GLN A 545 -8.86 42.55 -66.30
N LEU A 546 -7.88 43.09 -65.59
CA LEU A 546 -7.55 42.60 -64.25
C LEU A 546 -8.78 42.58 -63.35
N GLY A 547 -9.09 41.41 -62.80
CA GLY A 547 -10.21 41.26 -61.90
C GLY A 547 -9.78 41.18 -60.45
N GLU A 548 -10.71 40.76 -59.61
CA GLU A 548 -10.41 40.55 -58.19
C GLU A 548 -9.51 39.34 -58.04
N ASN A 549 -8.55 39.45 -57.11
CA ASN A 549 -7.68 38.35 -56.72
C ASN A 549 -7.03 37.70 -57.94
N ASN A 550 -6.50 38.54 -58.82
CA ASN A 550 -5.56 38.17 -59.87
C ASN A 550 -6.21 37.39 -61.01
N GLU A 551 -7.53 37.20 -61.01
CA GLU A 551 -8.21 36.62 -62.16
C GLU A 551 -8.10 37.55 -63.36
N LEU A 552 -7.35 37.14 -64.37
CA LEU A 552 -7.21 37.95 -65.58
C LEU A 552 -8.44 37.67 -66.44
N ARG A 553 -9.52 38.40 -66.16
CA ARG A 553 -10.77 38.21 -66.89
C ARG A 553 -10.61 38.58 -68.36
N LEU A 554 -11.18 37.75 -69.23
CA LEU A 554 -11.02 37.98 -70.67
C LEU A 554 -11.82 39.20 -71.13
N THR A 555 -13.09 39.26 -70.75
CA THR A 555 -13.96 40.33 -71.23
C THR A 555 -13.66 41.63 -70.50
N ARG A 556 -13.52 42.71 -71.27
CA ARG A 556 -13.28 44.04 -70.72
C ARG A 556 -14.63 44.75 -70.61
N ASP A 557 -15.29 44.58 -69.47
CA ASP A 557 -16.66 45.05 -69.32
C ASP A 557 -16.97 45.65 -67.96
N ALA A 558 -15.99 45.87 -67.10
CA ALA A 558 -16.25 46.50 -65.80
C ALA A 558 -15.97 47.98 -65.92
N ILE A 559 -17.03 48.76 -66.19
CA ILE A 559 -16.94 50.20 -66.36
C ILE A 559 -17.85 50.88 -65.34
N GLU A 560 -17.35 51.96 -64.77
CA GLU A 560 -18.06 52.86 -63.87
C GLU A 560 -18.00 54.27 -64.44
N PRO A 561 -18.83 55.20 -64.00
CA PRO A 561 -18.67 56.60 -64.43
C PRO A 561 -17.48 57.26 -63.73
N CYS A 562 -16.82 58.15 -64.48
CA CYS A 562 -15.60 58.79 -63.98
C CYS A 562 -15.93 59.72 -62.82
N THR A 563 -15.03 59.76 -61.84
CA THR A 563 -15.31 60.42 -60.57
C THR A 563 -14.04 61.05 -60.02
N VAL A 564 -14.22 62.10 -59.22
CA VAL A 564 -13.12 62.90 -58.69
C VAL A 564 -12.52 62.23 -57.46
N GLY A 565 -11.24 62.51 -57.20
CA GLY A 565 -10.59 62.00 -56.00
C GLY A 565 -10.22 60.54 -56.07
N HIS A 566 -10.03 60.00 -57.27
CA HIS A 566 -9.90 58.58 -57.49
C HIS A 566 -8.56 58.08 -56.97
N ARG A 567 -8.59 57.40 -55.82
CA ARG A 567 -7.44 56.68 -55.28
C ARG A 567 -7.82 55.21 -55.19
N ARG A 568 -7.04 54.33 -55.80
CA ARG A 568 -7.36 52.91 -55.78
C ARG A 568 -6.10 52.07 -55.63
N TYR A 569 -6.07 51.26 -54.56
CA TYR A 569 -5.12 50.16 -54.40
C TYR A 569 -5.74 48.91 -55.02
N PHE A 570 -4.99 48.25 -55.91
CA PHE A 570 -5.45 47.02 -56.54
C PHE A 570 -4.53 45.86 -56.19
N THR A 571 -5.06 44.64 -56.37
CA THR A 571 -4.28 43.43 -56.13
C THR A 571 -3.49 43.09 -57.38
N PHE A 572 -2.19 42.86 -57.21
CA PHE A 572 -1.36 42.52 -58.37
C PHE A 572 -0.13 41.74 -57.89
N GLY A 573 0.03 40.51 -58.37
CA GLY A 573 1.09 39.65 -57.92
C GLY A 573 0.98 39.38 -56.43
N GLY A 574 2.13 39.18 -55.80
CA GLY A 574 2.19 39.14 -54.36
C GLY A 574 2.06 40.48 -53.68
N GLY A 575 1.75 41.53 -54.43
CA GLY A 575 1.65 42.85 -53.85
C GLY A 575 0.48 43.65 -54.37
N TYR A 576 0.60 44.97 -54.33
CA TYR A 576 -0.48 45.86 -54.72
C TYR A 576 -0.01 46.79 -55.83
N VAL A 577 -0.96 47.43 -56.48
CA VAL A 577 -0.66 48.41 -57.53
C VAL A 577 -1.62 49.59 -57.36
N TYR A 578 -1.06 50.76 -57.09
CA TYR A 578 -1.84 51.95 -56.75
C TYR A 578 -1.95 52.87 -57.95
N PHE A 579 -3.18 53.26 -58.26
CA PHE A 579 -3.46 54.29 -59.25
C PHE A 579 -4.12 55.47 -58.56
N GLU A 580 -3.74 56.68 -58.98
CA GLU A 580 -4.49 57.90 -58.68
C GLU A 580 -5.15 58.41 -59.94
N GLU A 581 -6.41 58.81 -59.81
CA GLU A 581 -7.14 59.48 -60.89
C GLU A 581 -7.12 58.65 -62.17
N TYR A 582 -7.31 57.33 -62.01
CA TYR A 582 -7.45 56.41 -63.13
C TYR A 582 -6.17 56.32 -63.96
N ALA A 583 -5.02 56.27 -63.29
CA ALA A 583 -3.75 56.23 -64.00
C ALA A 583 -2.69 55.57 -63.12
N TYR A 584 -1.87 54.72 -63.73
CA TYR A 584 -0.82 53.98 -63.06
C TYR A 584 0.08 54.88 -62.22
N SER A 585 -0.01 54.77 -60.89
CA SER A 585 0.95 55.44 -60.02
C SER A 585 2.14 54.52 -59.80
N HIS A 586 2.03 53.56 -58.87
CA HIS A 586 3.19 52.71 -58.63
C HIS A 586 2.77 51.46 -57.87
N GLN A 587 3.60 50.42 -58.00
CA GLN A 587 3.35 49.13 -57.38
C GLN A 587 4.06 49.05 -56.04
N LEU A 588 3.37 48.48 -55.04
CA LEU A 588 3.86 48.40 -53.68
C LEU A 588 3.95 46.95 -53.23
N SER A 589 4.83 46.71 -52.26
CA SER A 589 4.89 45.42 -51.57
C SER A 589 3.74 45.35 -50.56
N ARG A 590 3.65 44.20 -49.88
CA ARG A 590 2.48 43.96 -49.04
C ARG A 590 2.57 44.72 -47.72
N ALA A 591 3.67 44.53 -46.98
CA ALA A 591 3.80 45.08 -45.64
C ALA A 591 3.84 46.60 -45.63
N ASP A 592 3.81 47.22 -46.81
CA ASP A 592 3.75 48.67 -46.89
C ASP A 592 2.51 49.24 -46.20
N ILE A 593 1.46 48.45 -46.07
CA ILE A 593 0.20 48.89 -45.49
C ILE A 593 0.05 48.27 -44.12
N THR A 594 -0.37 49.08 -43.15
CA THR A 594 -0.71 48.58 -41.82
C THR A 594 -1.74 47.46 -41.93
N THR A 595 -1.65 46.49 -41.03
CA THR A 595 -2.32 45.21 -41.17
C THR A 595 -3.18 44.91 -39.95
N VAL A 596 -4.44 44.51 -40.20
CA VAL A 596 -5.34 44.03 -39.15
C VAL A 596 -5.74 42.59 -39.48
N SER A 597 -6.64 42.01 -38.68
CA SER A 597 -6.87 40.58 -38.77
C SER A 597 -8.32 40.25 -38.41
N THR A 598 -8.83 39.19 -39.05
CA THR A 598 -10.10 38.55 -38.68
C THR A 598 -9.90 37.32 -37.81
N PHE A 599 -8.70 37.14 -37.25
CA PHE A 599 -8.33 35.90 -36.60
C PHE A 599 -8.32 36.09 -35.09
N ILE A 600 -8.79 35.08 -34.37
CA ILE A 600 -8.71 35.04 -32.91
C ILE A 600 -7.50 34.17 -32.55
N ASP A 601 -6.51 34.78 -31.91
CA ASP A 601 -5.27 34.08 -31.57
C ASP A 601 -5.57 32.82 -30.78
N LEU A 602 -4.67 31.84 -30.90
CA LEU A 602 -4.80 30.59 -30.17
C LEU A 602 -3.39 30.10 -29.85
N ASN A 603 -3.12 29.87 -28.58
CA ASN A 603 -1.77 29.56 -28.08
C ASN A 603 -1.85 28.32 -27.20
N ILE A 604 -1.44 27.17 -27.75
CA ILE A 604 -1.38 25.92 -27.01
C ILE A 604 0.08 25.51 -26.84
N THR A 605 0.42 25.08 -25.62
CA THR A 605 1.68 24.41 -25.36
C THR A 605 1.39 23.00 -24.87
N MET A 606 1.97 22.02 -25.54
CA MET A 606 1.89 20.65 -25.05
C MET A 606 2.57 20.53 -23.69
N LEU A 607 2.23 19.46 -22.97
CA LEU A 607 2.85 19.20 -21.68
C LEU A 607 4.22 18.58 -21.94
N GLU A 608 5.27 19.30 -21.57
CA GLU A 608 6.62 18.78 -21.72
C GLU A 608 6.76 17.46 -20.96
N ASP A 609 7.61 16.59 -21.48
CA ASP A 609 7.91 15.35 -20.79
C ASP A 609 8.42 15.63 -19.39
N HIS A 610 8.41 14.60 -18.55
CA HIS A 610 8.95 14.76 -17.20
C HIS A 610 9.36 13.40 -16.67
N GLU A 611 10.64 13.25 -16.32
CA GLU A 611 11.13 12.00 -15.79
C GLU A 611 10.82 11.88 -14.30
N PHE A 612 10.52 10.67 -13.87
CA PHE A 612 10.21 10.38 -12.48
C PHE A 612 11.35 9.55 -11.88
N VAL A 613 12.09 10.18 -10.97
CA VAL A 613 13.25 9.56 -10.32
C VAL A 613 12.78 8.60 -9.23
N PRO A 614 13.53 7.55 -8.93
CA PRO A 614 13.14 6.63 -7.86
C PRO A 614 13.25 7.29 -6.50
N LEU A 615 12.61 6.66 -5.51
CA LEU A 615 12.70 7.16 -4.14
C LEU A 615 12.11 6.20 -3.11
N GLU A 616 12.94 5.82 -2.14
CA GLU A 616 12.48 5.11 -0.94
C GLU A 616 12.58 6.05 0.24
N VAL A 617 11.61 5.97 1.14
CA VAL A 617 11.67 6.76 2.38
C VAL A 617 12.81 6.20 3.23
N TYR A 618 12.66 4.97 3.68
CA TYR A 618 13.70 4.23 4.38
C TYR A 618 14.04 2.98 3.59
N THR A 619 15.32 2.64 3.54
CA THR A 619 15.71 1.42 2.83
C THR A 619 15.58 0.22 3.76
N ARG A 620 15.54 -0.97 3.16
CA ARG A 620 15.41 -2.18 3.95
C ARG A 620 16.64 -2.40 4.84
N HIS A 621 17.80 -1.91 4.40
CA HIS A 621 19.00 -2.00 5.23
C HIS A 621 18.92 -1.02 6.41
N GLU A 622 18.17 0.07 6.26
CA GLU A 622 17.88 0.93 7.41
C GLU A 622 16.95 0.25 8.41
N ILE A 623 16.29 -0.83 8.01
CA ILE A 623 15.37 -1.56 8.86
C ILE A 623 16.06 -2.74 9.55
N LYS A 624 16.74 -3.57 8.76
CA LYS A 624 17.66 -4.55 9.35
C LYS A 624 18.66 -3.86 10.26
N ASP A 625 18.98 -2.60 9.99
CA ASP A 625 19.78 -1.79 10.89
C ASP A 625 18.95 -1.21 12.03
N SER A 626 17.68 -0.89 11.78
CA SER A 626 16.84 -0.38 12.86
C SER A 626 16.56 -1.45 13.90
N GLY A 627 16.45 -2.71 13.47
CA GLY A 627 16.46 -3.81 14.41
C GLY A 627 17.73 -3.76 15.21
N LEU A 628 17.64 -3.23 16.44
CA LEU A 628 18.82 -2.95 17.25
C LEU A 628 19.78 -4.13 17.32
N LEU A 629 19.23 -5.34 17.35
CA LEU A 629 20.01 -6.56 17.18
C LEU A 629 19.45 -7.34 16.02
N ASP A 630 20.27 -7.55 14.99
CA ASP A 630 19.98 -8.61 14.05
C ASP A 630 20.48 -9.90 14.70
N TYR A 631 19.54 -10.69 15.22
CA TYR A 631 19.85 -11.97 15.85
C TYR A 631 20.82 -12.78 15.03
N THR A 632 20.65 -12.74 13.71
CA THR A 632 21.58 -13.39 12.79
C THR A 632 23.00 -12.94 13.04
N GLU A 633 23.24 -11.62 12.98
CA GLU A 633 24.58 -11.09 13.20
C GLU A 633 25.08 -11.46 14.58
N VAL A 634 24.22 -11.36 15.59
CA VAL A 634 24.62 -11.61 16.98
C VAL A 634 25.14 -13.03 17.14
N GLN A 635 24.36 -14.03 16.70
CA GLN A 635 24.82 -15.40 16.83
C GLN A 635 26.03 -15.67 15.95
N ARG A 636 26.06 -15.07 14.74
CA ARG A 636 27.22 -15.23 13.89
C ARG A 636 28.49 -14.79 14.60
N ARG A 637 28.38 -13.79 15.48
CA ARG A 637 29.55 -13.42 16.27
C ARG A 637 29.77 -14.37 17.44
N ASN A 638 28.70 -14.70 18.17
CA ASN A 638 28.82 -15.53 19.36
C ASN A 638 29.26 -16.96 19.05
N GLN A 639 29.35 -17.34 17.78
CA GLN A 639 29.80 -18.68 17.44
C GLN A 639 31.20 -18.72 16.84
N LEU A 640 31.77 -17.57 16.45
CA LEU A 640 33.22 -17.44 16.24
C LEU A 640 33.97 -17.13 17.51
N HIS A 641 33.42 -17.48 18.66
CA HIS A 641 34.10 -17.26 19.93
C HIS A 641 35.25 -18.27 20.14
N ASP A 642 35.61 -18.98 19.06
CA ASP A 642 36.59 -20.07 19.13
C ASP A 642 37.74 -19.84 18.17
N LEU A 643 37.51 -19.97 16.87
CA LEU A 643 38.59 -20.09 15.88
C LEU A 643 39.44 -18.83 15.80
N ARG A 644 38.91 -17.68 16.24
CA ARG A 644 39.67 -16.44 16.21
C ARG A 644 40.85 -16.50 17.16
N PHE A 645 40.61 -16.94 18.40
CA PHE A 645 41.60 -16.84 19.46
C PHE A 645 41.59 -18.06 20.38
N ALA A 646 41.32 -19.25 19.83
CA ALA A 646 41.38 -20.49 20.58
C ALA A 646 41.36 -21.68 19.64
N ASP A 647 42.36 -22.56 19.74
CA ASP A 647 42.49 -23.70 18.85
C ASP A 647 41.86 -24.94 19.49
N ILE A 648 40.94 -25.57 18.75
CA ILE A 648 40.31 -26.81 19.20
C ILE A 648 40.93 -28.04 18.54
N ASP A 649 41.85 -27.84 17.61
CA ASP A 649 42.46 -28.94 16.86
C ASP A 649 43.81 -29.32 17.45
N THR A 650 43.86 -29.49 18.78
CA THR A 650 45.11 -29.79 19.46
C THR A 650 44.76 -30.53 20.74
N VAL A 651 45.29 -31.75 20.91
CA VAL A 651 44.92 -32.61 22.01
C VAL A 651 46.15 -32.86 22.89
N ILE A 652 45.95 -32.87 24.20
CA ILE A 652 47.03 -33.03 25.17
C ILE A 652 46.77 -34.24 26.05
N HIS A 653 47.79 -35.09 26.14
CA HIS A 653 47.88 -36.21 27.07
C HIS A 653 49.04 -35.95 28.02
N ALA A 654 48.75 -35.91 29.32
CA ALA A 654 49.77 -35.62 30.32
C ALA A 654 49.77 -36.71 31.38
N ASP A 655 50.95 -37.22 31.70
CA ASP A 655 51.12 -38.25 32.70
C ASP A 655 52.03 -37.77 33.81
N ALA A 656 51.51 -37.76 35.03
CA ALA A 656 52.35 -37.43 36.17
C ALA A 656 53.49 -38.40 36.32
N ASN A 657 53.32 -39.67 35.96
CA ASN A 657 54.45 -40.54 36.30
C ASN A 657 55.52 -40.45 35.20
N ALA A 658 55.13 -40.07 33.96
CA ALA A 658 56.15 -39.71 32.96
C ALA A 658 56.94 -38.51 33.41
N ALA A 659 56.30 -37.54 34.07
CA ALA A 659 56.98 -36.33 34.54
C ALA A 659 58.11 -36.66 35.51
N VAL A 682 66.35 -47.10 39.72
CA VAL A 682 65.82 -47.58 40.99
C VAL A 682 64.64 -46.72 41.43
N MET A 683 64.78 -45.40 41.27
CA MET A 683 63.71 -44.49 41.66
C MET A 683 62.48 -44.65 40.77
N GLY A 684 62.67 -44.98 39.49
CA GLY A 684 61.53 -45.30 38.65
C GLY A 684 60.80 -46.53 39.14
N ILE A 685 61.54 -47.52 39.64
CA ILE A 685 60.92 -48.74 40.15
C ILE A 685 60.08 -48.44 41.37
N VAL A 686 60.60 -47.61 42.28
CA VAL A 686 59.84 -47.23 43.47
C VAL A 686 58.58 -46.46 43.08
N GLY A 687 58.66 -45.67 42.01
CA GLY A 687 57.49 -44.99 41.51
C GLY A 687 56.46 -45.94 40.94
N GLY A 688 56.90 -46.96 40.21
CA GLY A 688 56.00 -48.00 39.80
C GLY A 688 55.30 -48.66 40.98
N VAL A 689 55.95 -48.66 42.15
CA VAL A 689 55.35 -49.25 43.34
C VAL A 689 54.16 -48.41 43.81
N VAL A 690 54.28 -47.08 43.80
CA VAL A 690 53.13 -46.26 44.20
C VAL A 690 52.01 -46.32 43.16
N SER A 691 52.33 -46.57 41.89
CA SER A 691 51.27 -46.74 40.89
C SER A 691 50.44 -47.98 41.18
N ALA A 692 51.11 -49.10 41.47
CA ALA A 692 50.39 -50.30 41.91
C ALA A 692 49.46 -49.97 43.07
N VAL A 693 49.94 -49.16 44.03
CA VAL A 693 49.09 -48.65 45.09
C VAL A 693 48.03 -47.70 44.50
N SER A 694 48.43 -46.86 43.54
CA SER A 694 47.47 -45.93 42.93
C SER A 694 46.36 -46.67 42.21
N GLY A 695 46.71 -47.70 41.43
CA GLY A 695 45.70 -48.51 40.77
C GLY A 695 44.90 -49.35 41.74
N VAL A 696 45.52 -49.81 42.83
CA VAL A 696 44.77 -50.51 43.89
C VAL A 696 43.71 -49.59 44.48
N SER A 697 44.11 -48.39 44.90
CA SER A 697 43.17 -47.42 45.43
C SER A 697 42.00 -47.17 44.48
N SER A 698 42.23 -47.36 43.17
CA SER A 698 41.14 -47.26 42.19
C SER A 698 40.11 -48.37 42.40
N PHE A 699 40.57 -49.63 42.49
CA PHE A 699 39.68 -50.72 42.90
C PHE A 699 38.96 -50.39 44.19
N MET A 700 39.62 -49.69 45.10
CA MET A 700 39.05 -49.36 46.37
C MET A 700 38.27 -48.05 46.34
N SER A 701 38.40 -47.28 45.27
CA SER A 701 37.59 -46.09 45.08
C SER A 701 36.10 -46.41 44.93
N ASN A 702 35.73 -47.69 44.77
CA ASN A 702 34.33 -47.99 44.45
C ASN A 702 33.74 -49.06 45.35
N PRO A 703 32.41 -48.92 45.68
CA PRO A 703 31.67 -49.86 46.55
C PRO A 703 32.30 -51.13 47.14
N PHE A 704 32.38 -52.24 46.38
CA PHE A 704 32.67 -53.53 47.03
C PHE A 704 34.11 -53.60 47.54
N GLY A 705 35.08 -53.23 46.71
CA GLY A 705 36.44 -53.07 47.22
C GLY A 705 36.50 -52.12 48.39
N ALA A 706 35.77 -50.99 48.30
CA ALA A 706 35.73 -50.00 49.38
C ALA A 706 35.09 -50.57 50.66
N LEU A 707 34.12 -51.47 50.52
CA LEU A 707 33.47 -52.06 51.68
C LEU A 707 34.43 -52.94 52.48
N ALA A 708 35.14 -53.86 51.80
CA ALA A 708 36.11 -54.70 52.48
C ALA A 708 37.17 -53.90 53.20
N VAL A 709 37.40 -52.65 52.79
CA VAL A 709 38.45 -51.82 53.38
C VAL A 709 37.96 -51.13 54.63
N GLY A 710 36.79 -50.48 54.56
CA GLY A 710 36.15 -49.98 55.77
C GLY A 710 36.01 -51.05 56.85
N LEU A 711 35.67 -52.28 56.44
CA LEU A 711 35.66 -53.40 57.37
C LEU A 711 37.05 -53.71 57.90
N LEU A 712 38.07 -53.60 57.04
CA LEU A 712 39.44 -53.75 57.50
C LEU A 712 39.81 -52.64 58.47
N VAL A 713 39.59 -51.37 58.07
CA VAL A 713 39.88 -50.23 58.93
C VAL A 713 39.23 -50.38 60.29
N LEU A 714 38.00 -50.91 60.32
CA LEU A 714 37.36 -51.22 61.61
C LEU A 714 38.25 -52.13 62.45
N ALA A 715 38.94 -53.08 61.82
CA ALA A 715 39.71 -54.06 62.59
C ALA A 715 40.96 -53.44 63.21
N GLY A 716 41.76 -52.74 62.41
CA GLY A 716 43.08 -52.29 62.87
C GLY A 716 43.02 -51.54 64.19
N LEU A 717 42.17 -50.53 64.25
CA LEU A 717 41.98 -49.79 65.47
C LEU A 717 41.24 -50.62 66.52
N ALA A 718 40.18 -51.31 66.12
CA ALA A 718 39.49 -52.18 67.08
C ALA A 718 40.47 -53.12 67.74
N ALA A 719 41.06 -54.04 66.96
CA ALA A 719 41.86 -55.11 67.57
C ALA A 719 42.99 -54.58 68.44
N ALA A 720 43.64 -53.49 68.00
CA ALA A 720 44.81 -53.01 68.73
C ALA A 720 44.44 -52.54 70.14
N PHE A 721 43.30 -51.87 70.28
CA PHE A 721 42.93 -51.24 71.55
C PHE A 721 42.34 -52.22 72.55
N PHE A 722 41.44 -53.09 72.11
CA PHE A 722 40.82 -54.03 73.04
C PHE A 722 41.88 -54.82 73.80
N ALA A 723 43.01 -55.11 73.13
CA ALA A 723 44.09 -55.84 73.76
C ALA A 723 44.80 -54.98 74.81
N PHE A 724 44.96 -53.69 74.54
CA PHE A 724 45.62 -52.77 75.47
C PHE A 724 44.84 -52.66 76.77
C1 NAG B . -14.19 -12.86 -9.11
C2 NAG B . -12.91 -13.28 -8.40
C3 NAG B . -12.02 -14.03 -9.40
C4 NAG B . -12.76 -15.21 -10.02
C5 NAG B . -14.13 -14.80 -10.56
C6 NAG B . -15.01 -15.99 -10.90
C7 NAG B . -12.36 -11.71 -6.57
C8 NAG B . -13.36 -12.44 -5.74
N2 NAG B . -12.20 -12.15 -7.83
O3 NAG B . -10.82 -14.46 -8.74
O4 NAG B . -12.01 -15.68 -11.12
O5 NAG B . -14.87 -14.02 -9.60
O6 NAG B . -14.41 -17.21 -10.48
O7 NAG B . -11.72 -10.76 -6.14
C1 NAG B . -11.11 -16.79 -10.87
C2 NAG B . -10.36 -16.93 -12.22
C3 NAG B . -8.88 -17.36 -12.10
C4 NAG B . -8.44 -17.92 -10.74
C5 NAG B . -9.44 -17.72 -9.63
C6 NAG B . -8.81 -17.57 -8.26
C7 NAG B . -11.49 -19.00 -13.15
C8 NAG B . -11.15 -19.79 -11.92
N2 NAG B . -11.09 -17.72 -13.21
O3 NAG B . -8.06 -16.24 -12.43
O4 NAG B . -8.13 -19.30 -10.90
O5 NAG B . -10.20 -16.54 -9.87
O6 NAG B . -9.23 -18.59 -7.37
O7 NAG B . -12.10 -19.53 -14.08
C1 BMA B . -6.88 -19.45 -11.59
C2 BMA B . -5.86 -20.07 -10.62
C3 BMA B . -4.52 -20.27 -11.33
C4 BMA B . -4.70 -21.05 -12.65
C5 BMA B . -5.78 -20.39 -13.53
C6 BMA B . -6.08 -21.21 -14.77
O2 BMA B . -6.29 -21.36 -10.20
O3 BMA B . -3.58 -20.92 -10.49
O4 BMA B . -3.46 -21.08 -13.35
O5 BMA B . -7.00 -20.27 -12.76
O6 BMA B . -6.87 -20.43 -15.66
C1 NAG C . 2.14 31.30 -25.70
C2 NAG C . 2.96 32.58 -25.63
C3 NAG C . 4.40 32.26 -25.23
C4 NAG C . 4.44 31.42 -23.96
C5 NAG C . 3.48 30.22 -24.05
C6 NAG C . 3.33 29.49 -22.74
C7 NAG C . 2.12 34.33 -27.16
C8 NAG C . 1.23 34.76 -26.03
N2 NAG C . 2.92 33.28 -26.91
O3 NAG C . 5.12 33.46 -25.04
O4 NAG C . 5.75 30.90 -23.77
O5 NAG C . 2.17 30.66 -24.42
O6 NAG C . 2.71 30.30 -21.75
O7 NAG C . 2.13 34.89 -28.25
C1 NAG C . 6.35 31.47 -22.58
C2 NAG C . 7.54 30.62 -22.20
C3 NAG C . 8.14 31.12 -20.90
C4 NAG C . 7.74 32.56 -20.57
C5 NAG C . 7.50 33.44 -21.81
C6 NAG C . 8.77 33.99 -22.42
C7 NAG C . 7.85 28.23 -22.68
C8 NAG C . 9.04 28.64 -23.49
N2 NAG C . 7.17 29.21 -22.09
O3 NAG C . 9.56 31.01 -20.96
O4 NAG C . 6.62 32.59 -19.72
O5 NAG C . 6.78 32.78 -22.87
O6 NAG C . 9.49 33.00 -23.14
O7 NAG C . 7.51 27.05 -22.56
C1 NAG D . -28.26 5.67 -14.43
C2 NAG D . -28.19 4.71 -15.61
C3 NAG D . -29.55 4.58 -16.31
C4 NAG D . -30.34 5.89 -16.27
C5 NAG D . -30.42 6.49 -14.87
C6 NAG D . -31.80 6.47 -14.29
C7 NAG D . -26.09 4.37 -16.83
C8 NAG D . -25.99 3.07 -16.12
N2 NAG D . -27.16 5.12 -16.55
O3 NAG D . -30.30 3.54 -15.70
O4 NAG D . -29.77 6.84 -17.16
O5 NAG D . -29.58 5.74 -13.97
O6 NAG D . -31.78 6.27 -12.88
O7 NAG D . -25.23 4.74 -17.64
C1 NAG E . -30.78 12.72 14.23
C2 NAG E . -32.27 12.35 14.21
C3 NAG E . -33.04 13.40 14.98
C4 NAG E . -32.55 13.42 16.43
C5 NAG E . -31.03 13.62 16.50
C6 NAG E . -30.49 13.36 17.89
C7 NAG E . -33.69 11.22 12.58
C8 NAG E . -34.15 11.16 11.15
N2 NAG E . -32.80 12.17 12.87
O3 NAG E . -34.44 13.13 14.92
O4 NAG E . -33.20 14.48 17.14
O5 NAG E . -30.32 12.73 15.62
O6 NAG E . -31.52 13.49 18.87
O7 NAG E . -34.11 10.44 13.43
#